data_4NTC
#
_entry.id   4NTC
#
_cell.length_a   81.790
_cell.length_b   118.180
_cell.length_c   69.860
_cell.angle_alpha   90.00
_cell.angle_beta   90.00
_cell.angle_gamma   90.00
#
_symmetry.space_group_name_H-M   'P 21 21 2'
#
loop_
_entity.id
_entity.type
_entity.pdbx_description
1 polymer GliT
2 non-polymer 'FLAVIN-ADENINE DINUCLEOTIDE'
3 water water
#
_entity_poly.entity_id   1
_entity_poly.type   'polypeptide(L)'
_entity_poly.pdbx_seq_one_letter_code
;SMSIGKLLSNGALLVDVLIIGAGPAGLSTATGLARQLHTAVVFDSGVYRNAKTQHMHNVLGWDHRNPAELRAAGRADLTT
RYSTIQFQNSTIEAIRQVETNQLFEARDNEGHSWYGRKVVLATGVRDIPLDIEGYSECWANGIYHCLFCDGYEERGQETV
GVLALGPIANPARALHLARMALRLSESVTIYTNGNEQLAKEIQQAAEESPVGASGLKFEARPIRRFEKGDVAKTVIVHLG
ESESKTEGFLVYNPQTEVNGPFAKQLALNMTEGGDILTTPPFYETSVPGVFAVGDCATPLKAVTPAVSMGSLAAGGLVAQ
LQAQALPEFRLDQEL
;
_entity_poly.pdbx_strand_id   A,B
#
loop_
_chem_comp.id
_chem_comp.type
_chem_comp.name
_chem_comp.formula
FAD non-polymer 'FLAVIN-ADENINE DINUCLEOTIDE' 'C27 H33 N9 O15 P2'
#
# COMPACT_ATOMS: atom_id res chain seq x y z
N MET A 2 0.87 31.39 -13.24
CA MET A 2 -0.08 30.26 -12.99
C MET A 2 -1.36 30.79 -12.34
N SER A 3 -2.06 29.96 -11.56
CA SER A 3 -3.27 30.39 -10.84
C SER A 3 -3.49 29.73 -9.46
N ILE A 4 -2.61 28.80 -9.09
CA ILE A 4 -2.59 28.26 -7.72
C ILE A 4 -1.20 28.40 -7.10
N GLY A 5 -1.17 28.70 -5.80
CA GLY A 5 0.08 28.82 -5.06
C GLY A 5 0.38 30.21 -4.51
N LYS A 6 1.64 30.39 -4.10
CA LYS A 6 2.09 31.62 -3.46
C LYS A 6 3.18 32.25 -4.33
N LEU A 7 3.13 33.57 -4.46
CA LEU A 7 4.07 34.26 -5.33
C LEU A 7 5.50 34.17 -4.83
N LEU A 8 6.45 34.07 -5.77
CA LEU A 8 7.87 34.17 -5.47
C LEU A 8 8.42 35.46 -6.08
N SER A 9 9.60 35.87 -5.64
CA SER A 9 10.23 37.10 -6.10
C SER A 9 10.62 37.07 -7.60
N ASN A 10 10.69 35.87 -8.17
CA ASN A 10 11.01 35.73 -9.59
C ASN A 10 9.80 35.88 -10.50
N GLY A 11 8.60 35.95 -9.91
CA GLY A 11 7.36 36.18 -10.66
C GLY A 11 6.46 34.96 -10.82
N ALA A 12 6.95 33.79 -10.38
CA ALA A 12 6.20 32.55 -10.52
C ALA A 12 5.42 32.21 -9.24
N LEU A 13 4.41 31.36 -9.37
CA LEU A 13 3.67 30.86 -8.22
C LEU A 13 4.27 29.56 -7.71
N LEU A 14 4.17 29.38 -6.39
CA LEU A 14 4.83 28.31 -5.69
C LEU A 14 3.77 27.35 -5.15
N VAL A 15 3.79 26.10 -5.62
CA VAL A 15 2.86 25.09 -5.08
C VAL A 15 3.52 24.30 -3.95
N ASP A 16 2.73 23.54 -3.20
CA ASP A 16 3.25 22.74 -2.10
C ASP A 16 4.15 21.62 -2.62
N VAL A 17 3.70 20.92 -3.66
CA VAL A 17 4.36 19.71 -4.12
C VAL A 17 4.43 19.58 -5.64
N LEU A 18 5.63 19.31 -6.15
CA LEU A 18 5.80 18.91 -7.53
C LEU A 18 5.87 17.38 -7.57
N ILE A 19 4.88 16.78 -8.22
CA ILE A 19 4.84 15.32 -8.34
C ILE A 19 5.23 14.92 -9.75
N ILE A 20 6.35 14.23 -9.89
CA ILE A 20 6.83 13.83 -11.21
C ILE A 20 6.36 12.40 -11.47
N GLY A 21 5.17 12.27 -12.05
CA GLY A 21 4.60 10.96 -12.33
C GLY A 21 3.11 10.88 -12.04
N ALA A 22 2.38 10.30 -12.99
CA ALA A 22 0.94 10.16 -12.86
C ALA A 22 0.51 8.71 -13.07
N GLY A 23 1.37 7.79 -12.67
CA GLY A 23 0.98 6.39 -12.52
C GLY A 23 0.33 6.26 -11.14
N PRO A 24 0.01 5.04 -10.71
CA PRO A 24 -0.64 4.82 -9.42
C PRO A 24 0.07 5.48 -8.22
N ALA A 25 1.40 5.48 -8.22
CA ALA A 25 2.18 6.06 -7.13
C ALA A 25 2.00 7.56 -7.01
N GLY A 26 2.19 8.28 -8.12
CA GLY A 26 2.01 9.73 -8.16
C GLY A 26 0.56 10.14 -7.91
N LEU A 27 -0.38 9.42 -8.52
CA LEU A 27 -1.80 9.70 -8.34
C LEU A 27 -2.25 9.48 -6.89
N SER A 28 -1.71 8.45 -6.25
CA SER A 28 -2.03 8.19 -4.83
C SER A 28 -1.45 9.26 -3.90
N THR A 29 -0.26 9.76 -4.23
CA THR A 29 0.35 10.87 -3.48
C THR A 29 -0.53 12.11 -3.56
N ALA A 30 -0.95 12.45 -4.79
CA ALA A 30 -1.83 13.59 -5.04
C ALA A 30 -3.17 13.43 -4.31
N THR A 31 -3.65 12.18 -4.24
CA THR A 31 -4.89 11.86 -3.56
C THR A 31 -4.85 12.25 -2.08
N GLY A 32 -3.75 11.91 -1.41
CA GLY A 32 -3.56 12.26 0.00
C GLY A 32 -3.46 13.76 0.22
N LEU A 33 -2.70 14.43 -0.63
CA LEU A 33 -2.54 15.88 -0.54
C LEU A 33 -3.86 16.63 -0.70
N ALA A 34 -4.68 16.18 -1.66
CA ALA A 34 -5.98 16.79 -1.95
C ALA A 34 -6.91 16.79 -0.73
N ARG A 35 -6.83 15.73 0.08
CA ARG A 35 -7.65 15.62 1.29
C ARG A 35 -7.42 16.76 2.28
N GLN A 36 -6.21 17.31 2.25
CA GLN A 36 -5.80 18.37 3.18
C GLN A 36 -5.63 19.73 2.48
N LEU A 37 -6.22 19.84 1.28
CA LEU A 37 -6.24 21.08 0.50
C LEU A 37 -4.86 21.58 0.07
N HIS A 38 -3.88 20.68 0.06
CA HIS A 38 -2.55 21.04 -0.40
C HIS A 38 -2.46 21.02 -1.91
N THR A 39 -1.65 21.92 -2.46
CA THR A 39 -1.57 22.13 -3.90
C THR A 39 -0.47 21.28 -4.53
N ALA A 40 -0.73 20.74 -5.73
CA ALA A 40 0.28 19.96 -6.46
C ALA A 40 0.14 20.03 -7.97
N VAL A 41 1.28 20.18 -8.64
CA VAL A 41 1.35 19.97 -10.07
C VAL A 41 1.87 18.54 -10.29
N VAL A 42 1.06 17.75 -10.99
CA VAL A 42 1.40 16.36 -11.31
C VAL A 42 1.80 16.31 -12.79
N PHE A 43 3.04 15.93 -13.05
CA PHE A 43 3.56 15.83 -14.41
C PHE A 43 3.44 14.41 -14.94
N ASP A 44 3.12 14.29 -16.22
CA ASP A 44 2.93 13.00 -16.86
C ASP A 44 3.51 13.04 -18.27
N SER A 45 4.56 12.24 -18.48
CA SER A 45 5.17 12.13 -19.81
C SER A 45 4.46 11.10 -20.68
N GLY A 46 3.51 10.38 -20.10
CA GLY A 46 2.73 9.39 -20.82
C GLY A 46 3.48 8.09 -21.08
N VAL A 47 4.42 7.76 -20.20
CA VAL A 47 5.19 6.52 -20.32
C VAL A 47 4.93 5.64 -19.10
N TYR A 48 4.08 4.63 -19.29
CA TYR A 48 3.71 3.75 -18.19
C TYR A 48 4.33 2.37 -18.39
N ARG A 49 4.90 1.84 -17.31
CA ARG A 49 5.62 0.56 -17.37
C ARG A 49 4.74 -0.57 -17.93
N ASN A 50 3.47 -0.59 -17.54
CA ASN A 50 2.55 -1.65 -17.97
C ASN A 50 1.70 -1.26 -19.19
N ALA A 51 2.22 -0.36 -20.02
CA ALA A 51 1.52 0.08 -21.24
C ALA A 51 1.24 -1.06 -22.21
N LYS A 52 2.02 -2.14 -22.13
CA LYS A 52 1.84 -3.28 -23.03
C LYS A 52 0.72 -4.24 -22.62
N THR A 53 0.03 -3.93 -21.52
CA THR A 53 -1.02 -4.83 -20.99
C THR A 53 -2.43 -4.29 -21.13
N GLN A 54 -3.39 -5.22 -21.18
CA GLN A 54 -4.81 -4.90 -21.20
C GLN A 54 -5.48 -5.21 -19.87
N HIS A 55 -4.84 -6.05 -19.06
CA HIS A 55 -5.47 -6.60 -17.85
C HIS A 55 -4.57 -6.55 -16.62
N MET A 56 -5.02 -5.79 -15.61
CA MET A 56 -4.36 -5.72 -14.31
C MET A 56 -4.83 -6.87 -13.45
N HIS A 57 -3.94 -7.42 -12.64
CA HIS A 57 -4.32 -8.43 -11.66
C HIS A 57 -3.69 -8.15 -10.31
N ASN A 58 -4.22 -8.80 -9.28
CA ASN A 58 -3.69 -8.68 -7.92
C ASN A 58 -3.87 -7.26 -7.35
N VAL A 59 -4.85 -6.55 -7.87
CA VAL A 59 -5.21 -5.22 -7.37
C VAL A 59 -6.67 -5.26 -6.90
N LEU A 60 -6.87 -5.35 -5.59
CA LEU A 60 -8.21 -5.53 -5.01
C LEU A 60 -9.29 -4.63 -5.61
N GLY A 61 -10.31 -5.26 -6.16
CA GLY A 61 -11.45 -4.57 -6.75
C GLY A 61 -11.28 -4.20 -8.21
N TRP A 62 -10.10 -4.48 -8.76
CA TRP A 62 -9.77 -4.12 -10.15
C TRP A 62 -9.31 -5.31 -11.01
N ASP A 63 -9.73 -6.52 -10.62
CA ASP A 63 -9.30 -7.73 -11.33
C ASP A 63 -9.64 -7.68 -12.82
N HIS A 64 -8.62 -7.89 -13.66
CA HIS A 64 -8.77 -8.00 -15.11
C HIS A 64 -9.13 -6.69 -15.83
N ARG A 65 -9.04 -5.58 -15.09
CA ARG A 65 -9.35 -4.26 -15.66
C ARG A 65 -8.11 -3.68 -16.34
N ASN A 66 -8.32 -2.82 -17.32
CA ASN A 66 -7.21 -2.13 -17.99
C ASN A 66 -6.55 -1.16 -17.03
N PRO A 67 -5.21 -1.23 -16.89
CA PRO A 67 -4.49 -0.29 -16.03
C PRO A 67 -4.80 1.18 -16.35
N ALA A 68 -5.12 1.45 -17.61
CA ALA A 68 -5.52 2.80 -18.04
C ALA A 68 -6.79 3.26 -17.31
N GLU A 69 -7.65 2.30 -16.96
CA GLU A 69 -8.88 2.62 -16.24
C GLU A 69 -8.62 3.11 -14.82
N LEU A 70 -7.61 2.55 -14.16
CA LEU A 70 -7.21 3.00 -12.81
C LEU A 70 -6.69 4.44 -12.85
N ARG A 71 -5.83 4.71 -13.82
CA ARG A 71 -5.28 6.07 -14.02
C ARG A 71 -6.36 7.10 -14.35
N ALA A 72 -7.33 6.71 -15.18
CA ALA A 72 -8.44 7.59 -15.54
C ALA A 72 -9.32 7.89 -14.34
N ALA A 73 -9.63 6.85 -13.56
CA ALA A 73 -10.43 7.00 -12.34
C ALA A 73 -9.74 7.91 -11.32
N GLY A 74 -8.44 7.67 -11.12
CA GLY A 74 -7.61 8.51 -10.24
C GLY A 74 -7.59 9.97 -10.64
N ARG A 75 -7.41 10.24 -11.94
CA ARG A 75 -7.42 11.61 -12.47
C ARG A 75 -8.77 12.28 -12.30
N ALA A 76 -9.84 11.54 -12.61
CA ALA A 76 -11.20 12.04 -12.44
C ALA A 76 -11.48 12.38 -10.99
N ASP A 77 -11.13 11.44 -10.09
CA ASP A 77 -11.29 11.64 -8.64
C ASP A 77 -10.51 12.84 -8.12
N LEU A 78 -9.41 13.19 -8.78
CA LEU A 78 -8.56 14.29 -8.32
C LEU A 78 -9.04 15.67 -8.79
N THR A 79 -9.93 15.71 -9.78
CA THR A 79 -10.37 16.99 -10.36
C THR A 79 -11.86 17.22 -10.21
N THR A 80 -12.57 16.18 -9.82
CA THR A 80 -14.02 16.29 -9.68
C THR A 80 -14.41 16.97 -8.37
N ARG A 81 -14.02 16.38 -7.23
CA ARG A 81 -14.41 16.92 -5.91
C ARG A 81 -13.30 17.77 -5.28
N TYR A 82 -12.17 17.89 -5.98
CA TYR A 82 -10.99 18.60 -5.50
C TYR A 82 -10.48 19.53 -6.59
N SER A 83 -9.88 20.64 -6.18
CA SER A 83 -9.40 21.62 -7.16
C SER A 83 -8.01 22.16 -6.87
N THR A 84 -7.28 21.51 -5.96
CA THR A 84 -5.92 21.95 -5.64
C THR A 84 -4.85 21.21 -6.43
N ILE A 85 -5.27 20.19 -7.19
CA ILE A 85 -4.33 19.35 -7.91
C ILE A 85 -4.32 19.66 -9.40
N GLN A 86 -3.16 20.07 -9.90
CA GLN A 86 -2.99 20.48 -11.28
C GLN A 86 -2.20 19.46 -12.09
N PHE A 87 -2.73 19.11 -13.26
CA PHE A 87 -2.08 18.16 -14.16
C PHE A 87 -1.40 18.86 -15.33
N GLN A 88 -0.13 18.49 -15.55
CA GLN A 88 0.66 19.05 -16.63
C GLN A 88 1.23 17.92 -17.49
N ASN A 89 0.77 17.86 -18.73
CA ASN A 89 1.23 16.84 -19.67
C ASN A 89 2.53 17.27 -20.35
N SER A 90 3.63 17.19 -19.60
CA SER A 90 4.96 17.49 -20.14
C SER A 90 6.03 16.68 -19.43
N THR A 91 7.20 16.60 -20.05
CA THR A 91 8.32 15.83 -19.54
C THR A 91 9.29 16.74 -18.81
N ILE A 92 9.53 16.45 -17.54
CA ILE A 92 10.50 17.19 -16.74
C ILE A 92 11.91 16.74 -17.12
N GLU A 93 12.77 17.70 -17.44
CA GLU A 93 14.13 17.40 -17.88
C GLU A 93 15.16 17.64 -16.78
N ALA A 94 14.85 18.52 -15.83
CA ALA A 94 15.76 18.84 -14.75
C ALA A 94 15.03 19.28 -13.48
N ILE A 95 15.57 18.89 -12.33
CA ILE A 95 15.09 19.39 -11.03
C ILE A 95 16.29 19.88 -10.23
N ARG A 96 16.10 21.01 -9.55
CA ARG A 96 17.14 21.58 -8.70
C ARG A 96 16.54 22.13 -7.42
N GLN A 97 17.28 21.94 -6.33
CA GLN A 97 16.94 22.50 -5.03
C GLN A 97 17.51 23.91 -5.00
N VAL A 98 16.65 24.93 -4.89
CA VAL A 98 17.17 26.29 -4.81
C VAL A 98 17.40 26.70 -3.35
N GLU A 99 16.64 26.09 -2.44
CA GLU A 99 16.81 26.31 -1.01
C GLU A 99 16.57 25.00 -0.25
N THR A 100 17.49 24.66 0.66
CA THR A 100 17.49 23.36 1.37
C THR A 100 16.13 23.02 1.98
N ASN A 101 15.57 21.89 1.54
CA ASN A 101 14.27 21.38 2.00
C ASN A 101 13.10 22.35 1.76
N GLN A 102 13.40 23.47 1.11
CA GLN A 102 12.51 24.63 1.12
C GLN A 102 11.90 24.98 -0.23
N LEU A 103 12.72 24.99 -1.28
CA LEU A 103 12.25 25.33 -2.62
C LEU A 103 12.95 24.51 -3.70
N PHE A 104 12.14 23.96 -4.61
CA PHE A 104 12.64 23.14 -5.70
C PHE A 104 12.08 23.65 -7.03
N GLU A 105 12.90 23.57 -8.07
CA GLU A 105 12.53 24.03 -9.39
C GLU A 105 12.56 22.87 -10.38
N ALA A 106 11.47 22.67 -11.10
CA ALA A 106 11.39 21.67 -12.15
C ALA A 106 11.28 22.35 -13.50
N ARG A 107 12.11 21.92 -14.45
CA ARG A 107 12.14 22.49 -15.79
C ARG A 107 11.69 21.43 -16.80
N ASP A 108 10.74 21.79 -17.66
CA ASP A 108 10.21 20.83 -18.63
C ASP A 108 10.86 20.93 -20.01
N ASN A 109 10.44 20.03 -20.89
CA ASN A 109 10.97 19.93 -22.25
C ASN A 109 10.62 21.13 -23.13
N GLU A 110 9.68 21.97 -22.68
CA GLU A 110 9.31 23.19 -23.40
C GLU A 110 10.03 24.45 -22.89
N GLY A 111 10.86 24.31 -21.86
CA GLY A 111 11.60 25.45 -21.29
C GLY A 111 10.89 26.15 -20.13
N HIS A 112 9.72 25.64 -19.76
CA HIS A 112 8.90 26.22 -18.69
C HIS A 112 9.37 25.74 -17.31
N SER A 113 9.26 26.61 -16.31
CA SER A 113 9.72 26.30 -14.95
C SER A 113 8.58 26.24 -13.94
N TRP A 114 8.71 25.33 -12.97
CA TRP A 114 7.71 25.10 -11.93
C TRP A 114 8.37 25.05 -10.57
N TYR A 115 7.68 25.57 -9.56
CA TYR A 115 8.25 25.66 -8.21
C TYR A 115 7.35 25.02 -7.19
N GLY A 116 7.97 24.22 -6.32
CA GLY A 116 7.26 23.54 -5.25
C GLY A 116 8.08 23.55 -3.98
N ARG A 117 7.40 23.46 -2.84
CA ARG A 117 8.06 23.38 -1.54
C ARG A 117 8.70 22.01 -1.37
N LYS A 118 8.09 21.01 -2.00
CA LYS A 118 8.53 19.62 -1.93
C LYS A 118 8.52 18.96 -3.31
N VAL A 119 9.26 17.86 -3.46
CA VAL A 119 9.27 17.08 -4.70
C VAL A 119 8.95 15.62 -4.42
N VAL A 120 8.06 15.05 -5.22
CA VAL A 120 7.81 13.60 -5.21
C VAL A 120 8.24 13.00 -6.54
N LEU A 121 9.19 12.08 -6.49
CA LEU A 121 9.62 11.36 -7.67
C LEU A 121 8.81 10.07 -7.79
N ALA A 122 7.97 10.00 -8.81
CA ALA A 122 7.13 8.82 -9.05
C ALA A 122 7.22 8.41 -10.53
N THR A 123 8.46 8.35 -11.02
CA THR A 123 8.73 8.24 -12.45
C THR A 123 8.70 6.81 -13.00
N GLY A 124 8.58 5.83 -12.10
CA GLY A 124 8.56 4.43 -12.49
C GLY A 124 9.90 3.95 -13.01
N VAL A 125 9.92 2.73 -13.55
CA VAL A 125 11.13 2.13 -14.11
C VAL A 125 10.94 1.60 -15.53
N ARG A 126 12.05 1.47 -16.25
CA ARG A 126 12.09 0.85 -17.57
C ARG A 126 12.71 -0.54 -17.45
N ASP A 127 12.04 -1.54 -18.01
CA ASP A 127 12.57 -2.91 -18.04
C ASP A 127 13.64 -3.05 -19.12
N ILE A 128 14.81 -3.55 -18.74
CA ILE A 128 15.92 -3.69 -19.69
C ILE A 128 15.83 -5.04 -20.42
N PRO A 129 15.76 -5.02 -21.76
CA PRO A 129 15.62 -6.28 -22.49
C PRO A 129 16.87 -7.15 -22.42
N LEU A 130 16.69 -8.46 -22.55
CA LEU A 130 17.82 -9.37 -22.74
C LEU A 130 18.33 -9.17 -24.16
N ASP A 131 19.65 -9.10 -24.32
CA ASP A 131 20.24 -8.95 -25.65
C ASP A 131 20.24 -10.31 -26.38
N ILE A 132 19.04 -10.82 -26.64
CA ILE A 132 18.83 -12.08 -27.34
C ILE A 132 17.76 -11.84 -28.40
N GLU A 133 18.04 -12.27 -29.63
CA GLU A 133 17.10 -12.13 -30.74
C GLU A 133 15.74 -12.75 -30.39
N GLY A 134 14.68 -11.99 -30.67
CA GLY A 134 13.31 -12.44 -30.41
C GLY A 134 12.77 -12.08 -29.05
N TYR A 135 13.62 -11.56 -28.17
CA TYR A 135 13.20 -11.20 -26.81
C TYR A 135 12.11 -10.14 -26.83
N SER A 136 12.32 -9.08 -27.62
CA SER A 136 11.39 -7.96 -27.71
C SER A 136 10.00 -8.34 -28.21
N GLU A 137 9.93 -9.27 -29.17
CA GLU A 137 8.65 -9.79 -29.64
C GLU A 137 7.91 -10.56 -28.55
N CYS A 138 8.65 -11.24 -27.67
CA CYS A 138 8.04 -12.12 -26.66
C CYS A 138 7.75 -11.44 -25.33
N TRP A 139 8.42 -10.32 -25.08
CA TRP A 139 8.25 -9.60 -23.82
C TRP A 139 6.79 -9.19 -23.60
N ALA A 140 6.26 -9.52 -22.43
CA ALA A 140 4.84 -9.31 -22.08
C ALA A 140 3.87 -9.99 -23.06
N ASN A 141 4.38 -11.00 -23.78
CA ASN A 141 3.63 -11.71 -24.80
C ASN A 141 4.23 -13.10 -24.97
N GLY A 142 4.36 -13.82 -23.85
CA GLY A 142 5.08 -15.08 -23.81
C GLY A 142 6.18 -15.12 -22.76
N ILE A 143 6.82 -13.98 -22.52
CA ILE A 143 7.76 -13.84 -21.40
C ILE A 143 7.10 -12.95 -20.36
N TYR A 144 6.91 -13.52 -19.16
CA TYR A 144 6.26 -12.83 -18.05
C TYR A 144 7.20 -12.63 -16.89
N HIS A 145 7.08 -11.47 -16.25
CA HIS A 145 8.02 -11.09 -15.20
C HIS A 145 7.48 -11.35 -13.80
N CYS A 146 6.16 -11.44 -13.68
CA CYS A 146 5.51 -11.45 -12.37
C CYS A 146 4.34 -12.42 -12.42
N LEU A 147 4.45 -13.50 -11.66
CA LEU A 147 3.43 -14.55 -11.68
C LEU A 147 2.23 -14.26 -10.76
N PHE A 148 2.25 -13.13 -10.07
CA PHE A 148 1.03 -12.59 -9.48
C PHE A 148 0.30 -11.72 -10.48
N CYS A 149 1.06 -11.06 -11.36
CA CYS A 149 0.50 -10.14 -12.36
C CYS A 149 -0.09 -10.89 -13.54
N ASP A 150 0.56 -12.01 -13.90
CA ASP A 150 0.17 -12.82 -15.05
C ASP A 150 0.38 -14.29 -14.73
N GLY A 151 0.13 -15.15 -15.71
CA GLY A 151 0.41 -16.56 -15.56
C GLY A 151 -0.83 -17.38 -15.28
N TYR A 152 -1.71 -16.87 -14.41
CA TYR A 152 -2.94 -17.56 -14.08
C TYR A 152 -3.82 -17.82 -15.31
N GLU A 153 -3.88 -16.83 -16.20
CA GLU A 153 -4.66 -16.93 -17.44
C GLU A 153 -4.14 -18.02 -18.37
N GLU A 154 -2.86 -18.35 -18.23
CA GLU A 154 -2.22 -19.36 -19.07
C GLU A 154 -1.93 -20.67 -18.32
N ARG A 155 -2.66 -20.91 -17.24
CA ARG A 155 -2.48 -22.12 -16.43
C ARG A 155 -2.90 -23.40 -17.17
N GLY A 156 -2.41 -24.53 -16.67
CA GLY A 156 -2.74 -25.85 -17.25
C GLY A 156 -1.75 -26.32 -18.30
N GLN A 157 -0.54 -25.77 -18.28
CA GLN A 157 0.48 -26.11 -19.29
C GLN A 157 1.15 -27.45 -19.02
N GLU A 158 1.72 -28.04 -20.08
CA GLU A 158 2.56 -29.22 -19.95
C GLU A 158 3.95 -28.80 -19.50
N THR A 159 4.48 -27.75 -20.12
CA THR A 159 5.83 -27.29 -19.85
C THR A 159 5.93 -25.77 -20.05
N VAL A 160 6.65 -25.12 -19.15
CA VAL A 160 6.96 -23.69 -19.26
C VAL A 160 8.42 -23.52 -18.87
N GLY A 161 8.99 -22.36 -19.17
CA GLY A 161 10.41 -22.13 -18.88
C GLY A 161 10.65 -20.99 -17.91
N VAL A 162 11.73 -21.11 -17.14
CA VAL A 162 12.24 -20.00 -16.34
C VAL A 162 13.62 -19.64 -16.88
N LEU A 163 13.83 -18.35 -17.12
CA LEU A 163 15.13 -17.88 -17.59
C LEU A 163 15.98 -17.44 -16.41
N ALA A 164 16.84 -18.34 -15.94
CA ALA A 164 17.78 -18.03 -14.87
C ALA A 164 18.97 -17.24 -15.43
N LEU A 165 18.65 -16.07 -15.98
CA LEU A 165 19.60 -15.15 -16.60
C LEU A 165 19.56 -13.82 -15.84
N GLY A 166 20.53 -12.94 -16.10
CA GLY A 166 20.56 -11.62 -15.45
C GLY A 166 20.41 -11.73 -13.95
N PRO A 167 19.40 -11.04 -13.37
CA PRO A 167 19.23 -11.11 -11.91
C PRO A 167 18.60 -12.41 -11.41
N ILE A 168 18.11 -13.25 -12.32
CA ILE A 168 17.53 -14.55 -11.97
C ILE A 168 18.59 -15.65 -11.96
N ALA A 169 19.83 -15.28 -12.31
CA ALA A 169 20.94 -16.23 -12.43
C ALA A 169 21.56 -16.65 -11.08
N ASN A 170 20.70 -17.02 -10.13
CA ASN A 170 21.12 -17.57 -8.85
C ASN A 170 20.06 -18.57 -8.36
N PRO A 171 20.46 -19.50 -7.48
CA PRO A 171 19.52 -20.55 -7.06
C PRO A 171 18.26 -20.04 -6.36
N ALA A 172 18.39 -18.98 -5.57
CA ALA A 172 17.26 -18.44 -4.81
C ALA A 172 16.15 -17.93 -5.73
N ARG A 173 16.51 -17.02 -6.65
CA ARG A 173 15.54 -16.42 -7.56
C ARG A 173 14.99 -17.43 -8.55
N ALA A 174 15.87 -18.26 -9.12
CA ALA A 174 15.45 -19.28 -10.09
C ALA A 174 14.47 -20.30 -9.50
N LEU A 175 14.77 -20.81 -8.31
CA LEU A 175 13.91 -21.79 -7.64
C LEU A 175 12.57 -21.21 -7.18
N HIS A 176 12.58 -19.98 -6.66
CA HIS A 176 11.35 -19.29 -6.27
C HIS A 176 10.43 -19.10 -7.48
N LEU A 177 11.00 -18.71 -8.62
CA LEU A 177 10.22 -18.53 -9.84
C LEU A 177 9.74 -19.85 -10.45
N ALA A 178 10.59 -20.86 -10.41
CA ALA A 178 10.25 -22.19 -10.94
C ALA A 178 9.14 -22.85 -10.12
N ARG A 179 9.20 -22.68 -8.80
CA ARG A 179 8.16 -23.24 -7.93
C ARG A 179 6.83 -22.52 -8.10
N MET A 180 6.88 -21.22 -8.40
CA MET A 180 5.67 -20.48 -8.77
C MET A 180 5.11 -20.95 -10.11
N ALA A 181 6.01 -21.21 -11.07
CA ALA A 181 5.62 -21.71 -12.39
C ALA A 181 5.01 -23.12 -12.33
N LEU A 182 5.39 -23.90 -11.32
CA LEU A 182 4.85 -25.26 -11.13
C LEU A 182 3.37 -25.28 -10.75
N ARG A 183 2.86 -24.15 -10.29
CA ARG A 183 1.42 -24.01 -10.03
C ARG A 183 0.65 -23.94 -11.34
N LEU A 184 1.34 -23.55 -12.40
CA LEU A 184 0.72 -23.27 -13.69
C LEU A 184 1.07 -24.30 -14.75
N SER A 185 2.03 -25.18 -14.44
CA SER A 185 2.53 -26.14 -15.41
C SER A 185 2.89 -27.46 -14.76
N GLU A 186 2.78 -28.55 -15.55
CA GLU A 186 3.17 -29.87 -15.08
C GLU A 186 4.68 -29.97 -14.88
N SER A 187 5.42 -29.35 -15.80
CA SER A 187 6.87 -29.38 -15.76
C SER A 187 7.43 -27.97 -15.98
N VAL A 188 8.56 -27.67 -15.34
CA VAL A 188 9.25 -26.40 -15.53
C VAL A 188 10.71 -26.65 -15.90
N THR A 189 11.15 -26.07 -17.00
CA THR A 189 12.55 -26.14 -17.41
C THR A 189 13.26 -24.84 -17.04
N ILE A 190 14.32 -24.95 -16.27
CA ILE A 190 15.12 -23.80 -15.88
C ILE A 190 16.32 -23.66 -16.85
N TYR A 191 16.30 -22.57 -17.61
CA TYR A 191 17.30 -22.25 -18.62
C TYR A 191 18.42 -21.40 -18.01
N THR A 192 19.68 -21.80 -18.20
CA THR A 192 20.80 -21.02 -17.68
C THR A 192 21.69 -20.37 -18.75
N ASN A 193 21.35 -20.59 -20.02
CA ASN A 193 22.03 -19.93 -21.15
C ASN A 193 23.57 -20.07 -21.10
N GLY A 194 24.05 -21.30 -20.96
CA GLY A 194 25.49 -21.56 -21.01
C GLY A 194 26.22 -21.57 -19.69
N ASN A 195 25.47 -21.62 -18.59
CA ASN A 195 26.07 -21.75 -17.25
C ASN A 195 25.69 -23.08 -16.61
N GLU A 196 26.60 -24.05 -16.72
CA GLU A 196 26.42 -25.41 -16.19
C GLU A 196 26.53 -25.42 -14.67
N GLN A 197 27.53 -24.69 -14.18
CA GLN A 197 27.78 -24.53 -12.75
C GLN A 197 26.50 -24.07 -12.05
N LEU A 198 25.87 -23.02 -12.58
CA LEU A 198 24.58 -22.55 -12.05
C LEU A 198 23.46 -23.60 -12.12
N ALA A 199 23.32 -24.26 -13.27
CA ALA A 199 22.33 -25.33 -13.43
C ALA A 199 22.52 -26.41 -12.36
N LYS A 200 23.79 -26.72 -12.07
CA LYS A 200 24.17 -27.68 -11.04
C LYS A 200 23.84 -27.19 -9.63
N GLU A 201 24.07 -25.89 -9.40
CA GLU A 201 23.78 -25.25 -8.12
C GLU A 201 22.28 -25.24 -7.82
N ILE A 202 21.49 -24.85 -8.81
CA ILE A 202 20.02 -24.82 -8.69
C ILE A 202 19.46 -26.21 -8.43
N GLN A 203 19.89 -27.19 -9.22
CA GLN A 203 19.46 -28.58 -9.06
C GLN A 203 19.77 -29.12 -7.65
N GLN A 204 21.02 -28.94 -7.23
CA GLN A 204 21.47 -29.38 -5.91
C GLN A 204 20.67 -28.71 -4.80
N ALA A 205 20.52 -27.38 -4.88
CA ALA A 205 19.72 -26.64 -3.89
C ALA A 205 18.29 -27.18 -3.82
N ALA A 206 17.70 -27.47 -4.97
CA ALA A 206 16.35 -28.01 -5.05
C ALA A 206 16.29 -29.42 -4.46
N GLU A 207 17.20 -30.29 -4.90
CA GLU A 207 17.29 -31.66 -4.39
C GLU A 207 17.59 -31.68 -2.89
N GLU A 208 18.37 -30.72 -2.44
CA GLU A 208 18.75 -30.65 -1.03
C GLU A 208 17.74 -29.90 -0.16
N SER A 209 16.73 -29.30 -0.78
CA SER A 209 15.68 -28.58 -0.05
C SER A 209 14.63 -29.54 0.49
N PRO A 210 13.81 -29.10 1.48
CA PRO A 210 12.78 -29.96 2.06
C PRO A 210 11.72 -30.47 1.06
N VAL A 211 11.42 -29.70 0.02
CA VAL A 211 10.40 -30.11 -0.97
C VAL A 211 10.96 -30.89 -2.16
N GLY A 212 12.26 -30.82 -2.39
CA GLY A 212 12.90 -31.57 -3.46
C GLY A 212 12.81 -30.89 -4.82
N ALA A 213 13.17 -31.64 -5.86
CA ALA A 213 13.27 -31.09 -7.23
C ALA A 213 12.23 -31.66 -8.20
N SER A 214 11.17 -32.27 -7.67
CA SER A 214 10.15 -32.88 -8.51
C SER A 214 9.49 -31.88 -9.45
N GLY A 215 9.43 -32.22 -10.74
CA GLY A 215 8.81 -31.37 -11.74
C GLY A 215 9.75 -30.39 -12.41
N LEU A 216 11.02 -30.41 -12.03
CA LEU A 216 12.00 -29.46 -12.57
C LEU A 216 12.93 -30.08 -13.61
N LYS A 217 13.20 -29.32 -14.67
CA LYS A 217 14.16 -29.68 -15.72
C LYS A 217 15.22 -28.61 -15.83
N PHE A 218 16.45 -29.01 -16.13
CA PHE A 218 17.56 -28.08 -16.18
C PHE A 218 18.21 -28.05 -17.56
N GLU A 219 18.28 -26.85 -18.13
CA GLU A 219 18.78 -26.65 -19.46
C GLU A 219 19.93 -25.65 -19.44
N ALA A 220 21.14 -26.15 -19.67
CA ALA A 220 22.35 -25.35 -19.55
C ALA A 220 22.91 -24.85 -20.88
N ARG A 221 22.30 -25.26 -21.98
CA ARG A 221 22.82 -24.92 -23.31
C ARG A 221 22.54 -23.45 -23.67
N PRO A 222 23.46 -22.82 -24.43
CA PRO A 222 23.29 -21.42 -24.84
C PRO A 222 22.03 -21.20 -25.67
N ILE A 223 21.38 -20.06 -25.47
CA ILE A 223 20.14 -19.71 -26.17
C ILE A 223 20.45 -18.81 -27.37
N ARG A 224 20.10 -19.28 -28.56
CA ARG A 224 20.39 -18.55 -29.79
C ARG A 224 19.34 -17.47 -30.05
N ARG A 225 18.07 -17.83 -29.91
CA ARG A 225 16.96 -16.87 -30.04
C ARG A 225 15.65 -17.38 -29.44
N PHE A 226 14.73 -16.45 -29.25
CA PHE A 226 13.35 -16.77 -28.90
C PHE A 226 12.47 -16.57 -30.11
N GLU A 227 11.61 -17.53 -30.40
CA GLU A 227 10.62 -17.38 -31.48
C GLU A 227 9.22 -17.41 -30.88
N LYS A 228 8.45 -16.36 -31.15
CA LYS A 228 7.06 -16.35 -30.69
C LYS A 228 6.30 -17.44 -31.42
N GLY A 229 6.00 -18.51 -30.68
CA GLY A 229 5.20 -19.61 -31.21
C GLY A 229 3.84 -19.16 -31.69
N ASP A 230 3.22 -19.99 -32.55
CA ASP A 230 1.94 -19.68 -33.19
C ASP A 230 0.75 -19.71 -32.21
N VAL A 231 0.79 -20.65 -31.27
CA VAL A 231 -0.34 -20.87 -30.38
C VAL A 231 -0.22 -20.12 -29.06
N ALA A 232 -1.28 -19.39 -28.71
CA ALA A 232 -1.41 -18.70 -27.44
C ALA A 232 -0.15 -17.91 -27.08
N LYS A 233 0.44 -18.20 -25.92
CA LYS A 233 1.60 -17.45 -25.44
C LYS A 233 2.91 -18.25 -25.51
N THR A 234 2.91 -19.31 -26.30
CA THR A 234 4.07 -20.19 -26.44
C THR A 234 5.29 -19.49 -27.01
N VAL A 235 6.46 -19.88 -26.52
CA VAL A 235 7.72 -19.38 -27.02
C VAL A 235 8.60 -20.59 -27.35
N ILE A 236 9.11 -20.62 -28.58
CA ILE A 236 10.09 -21.63 -28.97
C ILE A 236 11.49 -21.11 -28.66
N VAL A 237 12.19 -21.82 -27.79
CA VAL A 237 13.55 -21.46 -27.41
C VAL A 237 14.52 -22.25 -28.30
N HIS A 238 15.29 -21.52 -29.10
CA HIS A 238 16.31 -22.14 -29.96
C HIS A 238 17.63 -22.21 -29.20
N LEU A 239 18.02 -23.44 -28.85
CA LEU A 239 19.24 -23.68 -28.08
C LEU A 239 20.35 -24.15 -29.01
N GLY A 240 21.57 -24.27 -28.49
CA GLY A 240 22.73 -24.81 -29.21
C GLY A 240 22.82 -24.43 -30.68
N GLU A 241 23.26 -25.36 -31.51
CA GLU A 241 23.36 -25.09 -32.94
C GLU A 241 22.03 -25.31 -33.67
N SER A 242 21.31 -26.38 -33.31
CA SER A 242 20.16 -26.82 -34.11
C SER A 242 19.02 -27.52 -33.36
N GLU A 243 18.98 -27.35 -32.05
CA GLU A 243 17.87 -27.90 -31.29
C GLU A 243 17.02 -26.76 -30.75
N SER A 244 15.72 -27.01 -30.61
CA SER A 244 14.80 -26.04 -30.04
C SER A 244 13.76 -26.71 -29.16
N LYS A 245 13.10 -25.92 -28.32
CA LYS A 245 12.04 -26.45 -27.46
C LYS A 245 10.93 -25.45 -27.27
N THR A 246 9.69 -25.95 -27.35
CA THR A 246 8.51 -25.12 -27.21
C THR A 246 8.03 -25.12 -25.76
N GLU A 247 7.89 -23.93 -25.20
CA GLU A 247 7.41 -23.77 -23.84
C GLU A 247 6.06 -23.06 -23.86
N GLY A 248 5.19 -23.40 -22.91
CA GLY A 248 3.88 -22.75 -22.78
C GLY A 248 3.98 -21.25 -22.68
N PHE A 249 4.98 -20.80 -21.92
CA PHE A 249 5.40 -19.40 -21.83
C PHE A 249 6.72 -19.42 -21.08
N LEU A 250 7.33 -18.26 -20.91
CA LEU A 250 8.59 -18.14 -20.17
C LEU A 250 8.44 -17.16 -19.00
N VAL A 251 9.23 -17.38 -17.95
CA VAL A 251 9.23 -16.48 -16.80
C VAL A 251 10.61 -15.84 -16.65
N TYR A 252 10.65 -14.51 -16.62
CA TYR A 252 11.90 -13.79 -16.44
C TYR A 252 11.63 -12.40 -15.87
N ASN A 253 12.25 -12.11 -14.72
CA ASN A 253 12.12 -10.80 -14.09
C ASN A 253 13.34 -9.95 -14.43
N PRO A 254 13.17 -8.97 -15.33
CA PRO A 254 14.33 -8.25 -15.84
C PRO A 254 14.94 -7.25 -14.88
N GLN A 255 16.19 -6.91 -15.17
CA GLN A 255 16.86 -5.76 -14.58
C GLN A 255 16.06 -4.52 -14.98
N THR A 256 15.94 -3.57 -14.06
CA THR A 256 15.23 -2.33 -14.34
C THR A 256 16.11 -1.12 -14.07
N GLU A 257 15.75 0.02 -14.66
CA GLU A 257 16.36 1.29 -14.30
C GLU A 257 15.31 2.38 -14.14
N VAL A 258 15.54 3.25 -13.17
CA VAL A 258 14.64 4.35 -12.86
C VAL A 258 14.55 5.31 -14.05
N ASN A 259 13.34 5.72 -14.38
CA ASN A 259 13.11 6.72 -15.43
C ASN A 259 13.54 8.11 -14.97
N GLY A 260 14.25 8.83 -15.84
CA GLY A 260 14.62 10.21 -15.57
C GLY A 260 15.99 10.36 -14.94
N PRO A 261 16.56 11.59 -14.99
CA PRO A 261 17.91 11.86 -14.52
C PRO A 261 17.99 12.41 -13.09
N PHE A 262 16.88 12.34 -12.35
CA PHE A 262 16.76 13.13 -11.12
C PHE A 262 17.59 12.64 -9.95
N ALA A 263 17.80 11.33 -9.87
CA ALA A 263 18.70 10.76 -8.86
C ALA A 263 20.13 11.24 -9.06
N LYS A 264 20.53 11.42 -10.32
CA LYS A 264 21.84 11.95 -10.67
C LYS A 264 21.94 13.45 -10.38
N GLN A 265 20.92 14.19 -10.80
CA GLN A 265 20.90 15.64 -10.63
C GLN A 265 20.82 16.07 -9.17
N LEU A 266 20.04 15.32 -8.37
CA LEU A 266 19.88 15.62 -6.95
C LEU A 266 20.84 14.83 -6.05
N ALA A 267 21.73 14.06 -6.69
CA ALA A 267 22.65 13.18 -5.96
C ALA A 267 21.94 12.36 -4.88
N LEU A 268 20.87 11.67 -5.27
CA LEU A 268 20.08 10.86 -4.36
C LEU A 268 20.71 9.49 -4.22
N ASN A 269 20.80 8.99 -3.00
CA ASN A 269 21.27 7.63 -2.77
C ASN A 269 20.43 6.61 -3.51
N MET A 270 21.11 5.67 -4.16
CA MET A 270 20.46 4.62 -4.92
C MET A 270 20.78 3.25 -4.33
N THR A 271 19.89 2.29 -4.57
CA THR A 271 20.14 0.91 -4.19
C THR A 271 21.13 0.29 -5.17
N GLU A 272 21.70 -0.83 -4.76
CA GLU A 272 22.51 -1.67 -5.62
C GLU A 272 21.73 -2.00 -6.90
N GLY A 273 20.41 -2.09 -6.78
CA GLY A 273 19.53 -2.45 -7.89
C GLY A 273 19.15 -1.31 -8.82
N GLY A 274 19.54 -0.09 -8.47
CA GLY A 274 19.25 1.09 -9.29
C GLY A 274 18.07 1.91 -8.81
N ASP A 275 17.36 1.40 -7.81
CA ASP A 275 16.20 2.11 -7.25
C ASP A 275 16.67 3.29 -6.41
N ILE A 276 15.81 4.31 -6.29
CA ILE A 276 16.04 5.39 -5.34
C ILE A 276 15.79 4.84 -3.93
N LEU A 277 16.77 5.05 -3.06
CA LEU A 277 16.73 4.56 -1.69
C LEU A 277 15.86 5.48 -0.84
N THR A 278 14.77 4.93 -0.31
CA THR A 278 13.88 5.68 0.56
C THR A 278 13.67 4.90 1.83
N THR A 279 13.29 5.59 2.89
CA THR A 279 13.05 4.94 4.16
C THR A 279 11.59 5.08 4.56
N PRO A 280 10.92 3.94 4.87
CA PRO A 280 9.70 4.05 5.66
C PRO A 280 9.99 4.92 6.90
N PRO A 281 8.96 5.62 7.43
CA PRO A 281 7.53 5.49 7.19
C PRO A 281 6.97 6.33 6.03
N PHE A 282 7.70 7.37 5.61
CA PHE A 282 7.16 8.33 4.64
C PHE A 282 7.84 8.31 3.26
N TYR A 283 8.89 7.50 3.13
CA TYR A 283 9.61 7.32 1.86
C TYR A 283 10.30 8.58 1.36
N GLU A 284 10.88 9.33 2.29
CA GLU A 284 11.73 10.46 1.94
C GLU A 284 13.08 9.94 1.42
N THR A 285 13.64 10.61 0.42
CA THR A 285 14.95 10.24 -0.13
C THR A 285 16.06 10.76 0.77
N SER A 286 17.30 10.63 0.29
CA SER A 286 18.46 11.10 1.05
C SER A 286 18.59 12.63 1.07
N VAL A 287 17.90 13.32 0.17
CA VAL A 287 17.74 14.77 0.34
C VAL A 287 16.35 15.11 0.85
N PRO A 288 16.30 15.74 2.04
CA PRO A 288 15.07 16.12 2.69
C PRO A 288 14.19 16.96 1.77
N GLY A 289 12.89 16.74 1.83
CA GLY A 289 11.94 17.44 0.97
C GLY A 289 11.74 16.77 -0.37
N VAL A 290 12.62 15.82 -0.69
CA VAL A 290 12.46 14.99 -1.87
C VAL A 290 12.05 13.60 -1.44
N PHE A 291 10.90 13.16 -1.94
CA PHE A 291 10.34 11.85 -1.64
C PHE A 291 10.34 11.03 -2.92
N ALA A 292 10.29 9.71 -2.79
CA ALA A 292 10.19 8.86 -3.97
C ALA A 292 9.26 7.68 -3.68
N VAL A 293 8.34 7.42 -4.60
CA VAL A 293 7.31 6.40 -4.42
C VAL A 293 7.10 5.57 -5.67
N GLY A 294 6.57 4.37 -5.48
CA GLY A 294 6.31 3.46 -6.58
C GLY A 294 7.55 2.73 -7.04
N ASP A 295 7.51 2.23 -8.28
CA ASP A 295 8.57 1.39 -8.83
C ASP A 295 9.97 1.96 -8.74
N CYS A 296 10.09 3.29 -8.88
CA CYS A 296 11.40 3.94 -8.86
C CYS A 296 12.08 3.90 -7.49
N ALA A 297 11.34 3.46 -6.47
CA ALA A 297 11.80 3.56 -5.09
C ALA A 297 11.63 2.30 -4.22
N THR A 298 11.33 1.17 -4.84
CA THR A 298 11.15 -0.09 -4.11
C THR A 298 11.43 -1.29 -5.00
N PRO A 299 11.94 -2.39 -4.42
CA PRO A 299 11.99 -3.64 -5.20
C PRO A 299 10.61 -4.30 -5.31
N LEU A 300 9.68 -3.88 -4.46
CA LEU A 300 8.31 -4.43 -4.46
C LEU A 300 7.50 -3.71 -5.52
N LYS A 301 7.80 -4.01 -6.77
CA LYS A 301 7.26 -3.27 -7.91
C LYS A 301 5.88 -3.79 -8.31
N ALA A 302 4.85 -3.26 -7.64
CA ALA A 302 3.47 -3.64 -7.93
C ALA A 302 2.52 -2.48 -7.66
N VAL A 303 1.30 -2.58 -8.16
CA VAL A 303 0.32 -1.51 -8.02
C VAL A 303 -0.07 -1.24 -6.56
N THR A 304 -0.43 -2.28 -5.80
CA THR A 304 -0.86 -2.04 -4.40
C THR A 304 0.22 -1.45 -3.48
N PRO A 305 1.49 -1.92 -3.58
CA PRO A 305 2.54 -1.24 -2.84
C PRO A 305 2.79 0.20 -3.33
N ALA A 306 2.70 0.43 -4.64
CA ALA A 306 2.88 1.79 -5.18
C ALA A 306 1.87 2.80 -4.62
N VAL A 307 0.62 2.38 -4.49
CA VAL A 307 -0.47 3.22 -3.98
C VAL A 307 -0.30 3.47 -2.48
N SER A 308 0.06 2.41 -1.76
CA SER A 308 0.35 2.51 -0.33
C SER A 308 1.50 3.49 -0.06
N MET A 309 2.58 3.38 -0.84
CA MET A 309 3.72 4.29 -0.70
C MET A 309 3.29 5.73 -0.95
N GLY A 310 2.43 5.92 -1.95
CA GLY A 310 1.88 7.23 -2.27
C GLY A 310 1.08 7.83 -1.13
N SER A 311 0.23 7.03 -0.51
CA SER A 311 -0.56 7.50 0.63
C SER A 311 0.32 7.90 1.82
N LEU A 312 1.29 7.06 2.13
CA LEU A 312 2.19 7.30 3.27
C LEU A 312 3.10 8.49 3.02
N ALA A 313 3.55 8.66 1.78
CA ALA A 313 4.32 9.84 1.38
C ALA A 313 3.54 11.14 1.59
N ALA A 314 2.26 11.14 1.22
CA ALA A 314 1.40 12.31 1.42
C ALA A 314 1.24 12.64 2.91
N GLY A 315 1.16 11.60 3.74
CA GLY A 315 1.12 11.75 5.19
C GLY A 315 2.36 12.49 5.69
N GLY A 316 3.53 12.09 5.19
CA GLY A 316 4.78 12.75 5.54
C GLY A 316 4.89 14.17 5.00
N LEU A 317 4.45 14.36 3.77
CA LEU A 317 4.44 15.67 3.11
C LEU A 317 3.55 16.66 3.86
N VAL A 318 2.33 16.24 4.19
CA VAL A 318 1.40 17.06 4.96
C VAL A 318 2.04 17.47 6.29
N ALA A 319 2.66 16.51 6.98
CA ALA A 319 3.36 16.79 8.23
C ALA A 319 4.44 17.87 8.07
N GLN A 320 5.29 17.72 7.05
CA GLN A 320 6.36 18.68 6.79
C GLN A 320 5.81 20.05 6.38
N LEU A 321 4.86 20.06 5.45
CA LEU A 321 4.26 21.30 4.96
C LEU A 321 3.62 22.13 6.07
N GLN A 322 3.03 21.45 7.05
CA GLN A 322 2.32 22.13 8.14
C GLN A 322 3.21 22.47 9.33
N ALA A 323 4.39 21.85 9.40
CA ALA A 323 5.34 22.09 10.50
C ALA A 323 6.47 23.03 10.12
N GLN A 324 6.64 23.26 8.83
CA GLN A 324 7.74 24.09 8.33
C GLN A 324 7.24 25.40 7.77
N ALA A 325 7.94 26.48 8.14
CA ALA A 325 7.56 27.84 7.75
C ALA A 325 7.56 28.03 6.23
N LEU A 326 6.51 28.71 5.75
CA LEU A 326 6.35 29.03 4.33
C LEU A 326 7.38 30.07 3.90
N LEU B 13 -11.43 -31.04 6.07
CA LEU B 13 -11.17 -29.90 5.14
C LEU B 13 -9.83 -29.23 5.48
N LEU B 14 -8.83 -29.51 4.65
CA LEU B 14 -7.51 -28.90 4.75
C LEU B 14 -7.23 -28.02 3.53
N VAL B 15 -7.08 -26.72 3.77
CA VAL B 15 -6.66 -25.78 2.73
C VAL B 15 -5.25 -25.25 3.03
N ASP B 16 -4.67 -24.50 2.09
CA ASP B 16 -3.36 -23.90 2.31
C ASP B 16 -3.41 -22.84 3.40
N VAL B 17 -4.43 -21.99 3.35
CA VAL B 17 -4.48 -20.82 4.22
C VAL B 17 -5.87 -20.60 4.82
N LEU B 18 -5.95 -20.50 6.14
CA LEU B 18 -7.15 -20.04 6.83
C LEU B 18 -7.01 -18.53 7.05
N ILE B 19 -7.82 -17.73 6.34
CA ILE B 19 -7.78 -16.25 6.47
C ILE B 19 -8.94 -15.79 7.34
N ILE B 20 -8.63 -15.19 8.48
CA ILE B 20 -9.67 -14.72 9.39
C ILE B 20 -9.91 -13.22 9.13
N GLY B 21 -10.95 -12.92 8.36
CA GLY B 21 -11.26 -11.54 7.99
C GLY B 21 -11.48 -11.34 6.50
N ALA B 22 -12.56 -10.65 6.17
CA ALA B 22 -12.91 -10.33 4.79
C ALA B 22 -13.07 -8.82 4.59
N GLY B 23 -12.29 -8.05 5.34
CA GLY B 23 -12.13 -6.63 5.04
C GLY B 23 -11.12 -6.51 3.91
N PRO B 24 -10.72 -5.28 3.56
CA PRO B 24 -9.75 -5.07 2.49
C PRO B 24 -8.46 -5.88 2.68
N ALA B 25 -8.00 -6.02 3.93
CA ALA B 25 -6.76 -6.74 4.22
C ALA B 25 -6.86 -8.23 3.91
N GLY B 26 -7.89 -8.89 4.45
CA GLY B 26 -8.14 -10.31 4.19
C GLY B 26 -8.42 -10.59 2.72
N LEU B 27 -9.23 -9.73 2.11
CA LEU B 27 -9.60 -9.88 0.70
C LEU B 27 -8.40 -9.70 -0.23
N SER B 28 -7.54 -8.73 0.09
CA SER B 28 -6.29 -8.54 -0.67
C SER B 28 -5.37 -9.76 -0.56
N THR B 29 -5.29 -10.35 0.64
CA THR B 29 -4.48 -11.56 0.85
C THR B 29 -4.99 -12.72 -0.03
N ALA B 30 -6.31 -12.95 0.02
CA ALA B 30 -6.97 -13.98 -0.79
C ALA B 30 -6.76 -13.75 -2.29
N THR B 31 -6.81 -12.49 -2.70
CA THR B 31 -6.59 -12.09 -4.10
C THR B 31 -5.22 -12.57 -4.57
N GLY B 32 -4.21 -12.39 -3.71
CA GLY B 32 -2.85 -12.84 -4.00
C GLY B 32 -2.74 -14.34 -4.15
N LEU B 33 -3.29 -15.06 -3.18
CA LEU B 33 -3.26 -16.52 -3.16
C LEU B 33 -3.91 -17.13 -4.40
N ALA B 34 -5.05 -16.55 -4.80
CA ALA B 34 -5.83 -17.02 -5.93
C ALA B 34 -5.07 -16.96 -7.25
N ARG B 35 -4.19 -15.96 -7.40
CA ARG B 35 -3.34 -15.83 -8.58
C ARG B 35 -2.41 -17.02 -8.77
N GLN B 36 -2.07 -17.68 -7.66
CA GLN B 36 -1.15 -18.81 -7.69
C GLN B 36 -1.84 -20.14 -7.38
N LEU B 37 -3.17 -20.13 -7.46
CA LEU B 37 -4.01 -21.31 -7.30
C LEU B 37 -3.92 -21.96 -5.92
N HIS B 38 -3.52 -21.17 -4.93
CA HIS B 38 -3.52 -21.68 -3.56
C HIS B 38 -4.91 -21.59 -2.95
N THR B 39 -5.23 -22.57 -2.11
CA THR B 39 -6.55 -22.68 -1.51
C THR B 39 -6.63 -21.92 -0.20
N ALA B 40 -7.81 -21.35 0.06
CA ALA B 40 -8.04 -20.60 1.28
C ALA B 40 -9.50 -20.63 1.65
N VAL B 41 -9.77 -20.56 2.95
CA VAL B 41 -11.11 -20.24 3.45
C VAL B 41 -11.02 -18.88 4.12
N VAL B 42 -11.84 -17.95 3.62
CA VAL B 42 -11.92 -16.59 4.18
C VAL B 42 -13.16 -16.50 5.07
N PHE B 43 -12.92 -16.27 6.35
CA PHE B 43 -14.00 -16.16 7.33
C PHE B 43 -14.41 -14.70 7.52
N ASP B 44 -15.71 -14.47 7.65
CA ASP B 44 -16.27 -13.13 7.78
C ASP B 44 -17.38 -13.14 8.82
N SER B 45 -17.12 -12.49 9.96
CA SER B 45 -18.16 -12.34 10.99
C SER B 45 -19.07 -11.15 10.70
N GLY B 46 -18.71 -10.35 9.70
CA GLY B 46 -19.53 -9.22 9.26
C GLY B 46 -19.41 -8.01 10.16
N VAL B 47 -18.29 -7.87 10.85
CA VAL B 47 -18.03 -6.71 11.70
C VAL B 47 -16.89 -5.89 11.09
N TYR B 48 -17.23 -4.75 10.50
CA TYR B 48 -16.22 -3.92 9.82
C TYR B 48 -16.03 -2.63 10.58
N ARG B 49 -14.77 -2.21 10.74
CA ARG B 49 -14.46 -1.02 11.53
C ARG B 49 -15.16 0.23 11.02
N ASN B 50 -15.23 0.38 9.70
CA ASN B 50 -15.86 1.52 9.06
C ASN B 50 -17.32 1.25 8.67
N ALA B 51 -17.93 0.28 9.35
CA ALA B 51 -19.33 -0.07 9.11
C ALA B 51 -20.28 1.15 9.13
N LYS B 52 -19.95 2.17 9.93
CA LYS B 52 -20.83 3.35 10.12
C LYS B 52 -20.77 4.42 9.03
N THR B 53 -19.89 4.22 8.05
CA THR B 53 -19.57 5.27 7.08
C THR B 53 -20.21 5.01 5.72
N GLN B 54 -20.51 6.09 5.01
CA GLN B 54 -21.11 6.01 3.68
C GLN B 54 -20.09 6.31 2.59
N HIS B 55 -19.02 7.00 2.96
CA HIS B 55 -18.06 7.49 1.97
C HIS B 55 -16.60 7.27 2.36
N MET B 56 -15.90 6.48 1.56
CA MET B 56 -14.49 6.17 1.76
C MET B 56 -13.64 7.20 1.01
N HIS B 57 -12.57 7.67 1.65
CA HIS B 57 -11.66 8.63 1.00
C HIS B 57 -10.21 8.18 1.12
N ASN B 58 -9.35 8.80 0.30
CA ASN B 58 -7.90 8.52 0.31
C ASN B 58 -7.54 7.13 -0.20
N VAL B 59 -8.40 6.57 -1.06
CA VAL B 59 -8.15 5.27 -1.67
C VAL B 59 -8.26 5.44 -3.18
N LEU B 60 -7.12 5.43 -3.86
CA LEU B 60 -7.05 5.68 -5.29
C LEU B 60 -8.08 4.88 -6.08
N GLY B 61 -8.87 5.59 -6.87
CA GLY B 61 -9.89 4.97 -7.72
C GLY B 61 -11.25 4.82 -7.09
N TRP B 62 -11.37 5.17 -5.81
CA TRP B 62 -12.60 4.94 -5.05
C TRP B 62 -13.07 6.14 -4.25
N ASP B 63 -12.74 7.36 -4.69
CA ASP B 63 -13.13 8.55 -3.93
C ASP B 63 -14.64 8.66 -3.72
N HIS B 64 -15.04 8.82 -2.46
CA HIS B 64 -16.44 9.06 -2.08
C HIS B 64 -17.34 7.84 -2.26
N ARG B 65 -16.74 6.68 -2.57
CA ARG B 65 -17.50 5.45 -2.75
C ARG B 65 -17.80 4.80 -1.41
N ASN B 66 -18.84 3.99 -1.35
CA ASN B 66 -19.17 3.27 -0.12
C ASN B 66 -18.14 2.17 0.12
N PRO B 67 -17.59 2.09 1.35
CA PRO B 67 -16.60 1.05 1.64
C PRO B 67 -17.11 -0.38 1.43
N ALA B 68 -18.43 -0.56 1.53
CA ALA B 68 -19.07 -1.85 1.22
C ALA B 68 -18.90 -2.24 -0.25
N GLU B 69 -18.79 -1.23 -1.12
CA GLU B 69 -18.56 -1.47 -2.56
C GLU B 69 -17.20 -2.08 -2.82
N LEU B 70 -16.18 -1.68 -2.05
CA LEU B 70 -14.85 -2.27 -2.18
C LEU B 70 -14.86 -3.74 -1.77
N ARG B 71 -15.52 -4.04 -0.65
CA ARG B 71 -15.63 -5.43 -0.19
C ARG B 71 -16.43 -6.28 -1.19
N ALA B 72 -17.48 -5.69 -1.77
CA ALA B 72 -18.33 -6.40 -2.74
C ALA B 72 -17.59 -6.69 -4.05
N ALA B 73 -16.78 -5.74 -4.49
CA ALA B 73 -15.99 -5.89 -5.72
C ALA B 73 -14.87 -6.91 -5.53
N GLY B 74 -14.22 -6.86 -4.38
CA GLY B 74 -13.17 -7.81 -4.03
C GLY B 74 -13.69 -9.22 -3.92
N ARG B 75 -14.87 -9.38 -3.32
CA ARG B 75 -15.54 -10.68 -3.23
C ARG B 75 -15.98 -11.18 -4.60
N ALA B 76 -16.59 -10.29 -5.38
CA ALA B 76 -17.09 -10.64 -6.72
C ALA B 76 -15.95 -11.06 -7.64
N ASP B 77 -14.83 -10.34 -7.58
CA ASP B 77 -13.65 -10.68 -8.39
C ASP B 77 -13.15 -12.09 -8.08
N LEU B 78 -13.13 -12.44 -6.80
CA LEU B 78 -12.62 -13.74 -6.34
C LEU B 78 -13.56 -14.90 -6.66
N THR B 79 -14.86 -14.68 -6.51
CA THR B 79 -15.84 -15.73 -6.76
C THR B 79 -16.12 -15.91 -8.26
N THR B 80 -15.96 -14.84 -9.03
CA THR B 80 -16.23 -14.86 -10.47
C THR B 80 -15.18 -15.60 -11.31
N ARG B 81 -13.90 -15.25 -11.11
CA ARG B 81 -12.84 -15.73 -12.00
C ARG B 81 -11.89 -16.76 -11.39
N TYR B 82 -12.05 -17.02 -10.10
CA TYR B 82 -11.14 -17.93 -9.37
C TYR B 82 -11.95 -18.99 -8.66
N SER B 83 -11.34 -20.14 -8.38
CA SER B 83 -12.07 -21.25 -7.77
C SER B 83 -11.42 -21.85 -6.53
N THR B 84 -10.26 -21.33 -6.13
CA THR B 84 -9.53 -21.89 -4.98
C THR B 84 -9.81 -21.15 -3.67
N ILE B 85 -10.58 -20.07 -3.74
CA ILE B 85 -10.92 -19.27 -2.55
C ILE B 85 -12.37 -19.53 -2.12
N GLN B 86 -12.52 -20.07 -0.91
CA GLN B 86 -13.81 -20.34 -0.29
C GLN B 86 -14.12 -19.24 0.71
N PHE B 87 -15.39 -18.87 0.85
CA PHE B 87 -15.81 -17.92 1.87
C PHE B 87 -16.73 -18.60 2.88
N GLN B 88 -16.52 -18.32 4.15
CA GLN B 88 -17.39 -18.82 5.20
C GLN B 88 -17.88 -17.65 6.03
N ASN B 89 -19.18 -17.38 5.98
CA ASN B 89 -19.75 -16.34 6.81
C ASN B 89 -20.05 -16.88 8.19
N SER B 90 -19.01 -17.01 9.00
CA SER B 90 -19.16 -17.41 10.38
C SER B 90 -18.07 -16.78 11.20
N THR B 91 -18.21 -16.84 12.51
CA THR B 91 -17.22 -16.27 13.39
C THR B 91 -16.31 -17.37 13.90
N ILE B 92 -15.00 -17.09 13.93
CA ILE B 92 -14.02 -18.02 14.48
C ILE B 92 -13.84 -17.75 15.97
N GLU B 93 -13.93 -18.81 16.76
CA GLU B 93 -13.83 -18.71 18.22
C GLU B 93 -12.43 -19.01 18.75
N ALA B 94 -11.73 -19.93 18.10
CA ALA B 94 -10.43 -20.37 18.57
C ALA B 94 -9.60 -20.88 17.42
N ILE B 95 -8.32 -20.52 17.43
CA ILE B 95 -7.38 -21.17 16.54
C ILE B 95 -6.21 -21.71 17.36
N ARG B 96 -5.69 -22.85 16.93
CA ARG B 96 -4.56 -23.46 17.59
C ARG B 96 -3.74 -24.19 16.57
N GLN B 97 -2.49 -24.40 16.90
CA GLN B 97 -1.58 -25.08 16.02
C GLN B 97 -1.63 -26.56 16.38
N VAL B 98 -1.71 -27.43 15.38
CA VAL B 98 -1.74 -28.87 15.65
C VAL B 98 -0.33 -29.46 15.58
N GLU B 99 0.41 -29.13 14.53
CA GLU B 99 1.84 -29.44 14.43
C GLU B 99 2.63 -28.19 14.06
N THR B 100 3.79 -28.02 14.68
CA THR B 100 4.57 -26.79 14.56
C THR B 100 4.79 -26.32 13.10
N ASN B 101 4.19 -25.16 12.79
CA ASN B 101 4.06 -24.61 11.43
C ASN B 101 3.41 -25.55 10.40
N GLN B 102 3.26 -26.82 10.76
CA GLN B 102 2.65 -27.81 9.88
C GLN B 102 1.16 -27.55 9.64
N LEU B 103 0.43 -27.26 10.72
CA LEU B 103 -1.02 -27.35 10.67
C LEU B 103 -1.69 -26.47 11.72
N PHE B 104 -2.75 -25.78 11.33
CA PHE B 104 -3.55 -24.97 12.24
C PHE B 104 -5.02 -25.36 12.12
N GLU B 105 -5.72 -25.30 13.24
CA GLU B 105 -7.14 -25.62 13.29
C GLU B 105 -7.91 -24.39 13.74
N ALA B 106 -8.92 -23.99 12.97
CA ALA B 106 -9.83 -22.92 13.38
C ALA B 106 -11.19 -23.50 13.70
N ARG B 107 -11.72 -23.17 14.89
CA ARG B 107 -13.05 -23.61 15.31
C ARG B 107 -14.03 -22.43 15.26
N ASP B 108 -15.16 -22.63 14.57
CA ASP B 108 -16.17 -21.58 14.41
C ASP B 108 -17.28 -21.62 15.46
N ASN B 109 -18.20 -20.67 15.38
CA ASN B 109 -19.27 -20.54 16.37
C ASN B 109 -20.38 -21.59 16.25
N GLU B 110 -20.19 -22.52 15.31
CA GLU B 110 -21.16 -23.61 15.08
C GLU B 110 -20.56 -24.95 15.41
N GLY B 111 -19.34 -24.94 15.92
CA GLY B 111 -18.65 -26.17 16.27
C GLY B 111 -18.17 -26.95 15.06
N HIS B 112 -17.82 -26.24 13.98
CA HIS B 112 -17.11 -26.83 12.85
C HIS B 112 -15.62 -26.49 12.98
N SER B 113 -14.76 -27.40 12.51
CA SER B 113 -13.32 -27.17 12.50
C SER B 113 -12.79 -27.09 11.07
N TRP B 114 -11.81 -26.22 10.86
CA TRP B 114 -11.16 -26.05 9.57
C TRP B 114 -9.67 -26.12 9.79
N TYR B 115 -8.96 -26.70 8.83
CA TYR B 115 -7.53 -26.90 8.97
C TYR B 115 -6.79 -26.16 7.86
N GLY B 116 -5.68 -25.54 8.22
CA GLY B 116 -4.85 -24.84 7.25
C GLY B 116 -3.38 -25.07 7.48
N ARG B 117 -2.60 -24.99 6.40
CA ARG B 117 -1.15 -25.04 6.53
C ARG B 117 -0.63 -23.74 7.16
N LYS B 118 -1.35 -22.65 6.93
CA LYS B 118 -0.99 -21.31 7.41
C LYS B 118 -2.22 -20.56 7.87
N VAL B 119 -2.03 -19.49 8.62
CA VAL B 119 -3.14 -18.64 9.05
C VAL B 119 -2.82 -17.16 8.84
N VAL B 120 -3.80 -16.43 8.31
CA VAL B 120 -3.71 -14.98 8.22
C VAL B 120 -4.76 -14.37 9.14
N LEU B 121 -4.31 -13.52 10.07
CA LEU B 121 -5.23 -12.80 10.92
C LEU B 121 -5.44 -11.41 10.32
N ALA B 122 -6.67 -11.14 9.90
CA ALA B 122 -7.02 -9.84 9.33
C ALA B 122 -8.33 -9.37 9.96
N THR B 123 -8.36 -9.45 11.29
CA THR B 123 -9.59 -9.28 12.06
C THR B 123 -9.98 -7.83 12.32
N GLY B 124 -9.08 -6.90 11.99
CA GLY B 124 -9.32 -5.48 12.23
C GLY B 124 -9.22 -5.11 13.70
N VAL B 125 -9.61 -3.87 14.00
CA VAL B 125 -9.61 -3.37 15.37
C VAL B 125 -10.95 -2.71 15.73
N ARG B 126 -11.21 -2.65 17.02
CA ARG B 126 -12.37 -1.99 17.59
C ARG B 126 -11.89 -0.69 18.24
N ASP B 127 -12.56 0.42 17.92
CA ASP B 127 -12.22 1.71 18.51
C ASP B 127 -12.81 1.81 19.93
N ILE B 128 -11.94 2.05 20.91
CA ILE B 128 -12.38 2.16 22.31
C ILE B 128 -12.98 3.55 22.58
N PRO B 129 -14.23 3.61 23.07
CA PRO B 129 -14.83 4.92 23.33
C PRO B 129 -14.22 5.61 24.55
N LEU B 130 -14.28 6.94 24.56
CA LEU B 130 -13.94 7.71 25.76
C LEU B 130 -15.07 7.54 26.77
N ASP B 131 -14.73 7.38 28.04
CA ASP B 131 -15.73 7.27 29.09
C ASP B 131 -16.26 8.64 29.50
N ILE B 132 -16.95 9.28 28.56
CA ILE B 132 -17.55 10.59 28.75
C ILE B 132 -18.94 10.50 28.14
N GLU B 133 -19.95 10.96 28.90
CA GLU B 133 -21.34 10.94 28.43
C GLU B 133 -21.45 11.65 27.08
N GLY B 134 -22.16 11.02 26.15
CA GLY B 134 -22.43 11.60 24.85
C GLY B 134 -21.41 11.25 23.77
N TYR B 135 -20.31 10.62 24.17
CA TYR B 135 -19.26 10.23 23.20
C TYR B 135 -19.81 9.29 22.13
N SER B 136 -20.51 8.24 22.57
CA SER B 136 -21.11 7.24 21.68
C SER B 136 -21.98 7.85 20.58
N GLU B 137 -22.82 8.82 20.98
CA GLU B 137 -23.70 9.50 20.02
C GLU B 137 -22.92 10.32 18.99
N CYS B 138 -21.78 10.87 19.38
CA CYS B 138 -21.01 11.77 18.50
C CYS B 138 -19.91 11.08 17.67
N TRP B 139 -19.63 9.81 17.96
CA TRP B 139 -18.57 9.06 17.26
C TRP B 139 -18.91 8.85 15.78
N ALA B 140 -17.94 9.17 14.91
CA ALA B 140 -18.14 9.16 13.44
C ALA B 140 -19.35 10.00 13.02
N ASN B 141 -19.72 10.95 13.89
CA ASN B 141 -20.88 11.80 13.70
C ASN B 141 -20.67 13.11 14.47
N GLY B 142 -19.58 13.80 14.16
CA GLY B 142 -19.17 14.97 14.93
C GLY B 142 -17.79 14.78 15.52
N ILE B 143 -17.47 13.54 15.88
CA ILE B 143 -16.11 13.19 16.31
C ILE B 143 -15.42 12.34 15.24
N TYR B 144 -14.34 12.86 14.67
CA TYR B 144 -13.61 12.21 13.58
C TYR B 144 -12.20 11.83 14.00
N HIS B 145 -11.70 10.70 13.51
CA HIS B 145 -10.41 10.18 13.98
C HIS B 145 -9.26 10.36 13.00
N CYS B 146 -9.60 10.61 11.74
CA CYS B 146 -8.62 10.60 10.66
C CYS B 146 -8.99 11.66 9.64
N LEU B 147 -8.15 12.70 9.53
CA LEU B 147 -8.46 13.81 8.65
C LEU B 147 -8.04 13.59 7.18
N PHE B 148 -7.55 12.40 6.87
CA PHE B 148 -7.46 11.93 5.49
C PHE B 148 -8.75 11.18 5.12
N CYS B 149 -9.40 10.59 6.13
CA CYS B 149 -10.62 9.81 5.95
C CYS B 149 -11.86 10.68 5.85
N ASP B 150 -11.86 11.73 6.64
CA ASP B 150 -12.99 12.64 6.75
C ASP B 150 -12.43 14.03 6.95
N GLY B 151 -13.29 14.97 7.30
CA GLY B 151 -12.84 16.33 7.61
C GLY B 151 -12.95 17.27 6.43
N TYR B 152 -12.40 16.87 5.28
CA TYR B 152 -12.49 17.67 4.06
C TYR B 152 -13.94 18.02 3.71
N GLU B 153 -14.85 17.06 3.92
CA GLU B 153 -16.27 17.24 3.64
C GLU B 153 -16.93 18.30 4.54
N GLU B 154 -16.33 18.54 5.71
CA GLU B 154 -16.87 19.53 6.64
C GLU B 154 -15.98 20.77 6.77
N ARG B 155 -15.26 21.08 5.70
CA ARG B 155 -14.32 22.20 5.69
C ARG B 155 -15.02 23.56 5.73
N GLY B 156 -14.30 24.59 6.16
CA GLY B 156 -14.85 25.93 6.19
C GLY B 156 -15.53 26.25 7.52
N GLN B 157 -15.05 25.61 8.60
CA GLN B 157 -15.60 25.83 9.93
C GLN B 157 -15.06 27.12 10.54
N GLU B 158 -15.79 27.65 11.52
CA GLU B 158 -15.30 28.76 12.31
C GLU B 158 -14.39 28.26 13.44
N THR B 159 -14.81 27.17 14.08
CA THR B 159 -14.04 26.56 15.16
C THR B 159 -14.26 25.06 15.16
N VAL B 160 -13.19 24.32 15.43
CA VAL B 160 -13.28 22.87 15.64
C VAL B 160 -12.44 22.53 16.86
N GLY B 161 -12.65 21.35 17.42
CA GLY B 161 -11.90 20.94 18.59
C GLY B 161 -11.05 19.72 18.35
N VAL B 162 -9.89 19.68 18.99
CA VAL B 162 -9.05 18.48 19.03
C VAL B 162 -9.06 17.97 20.46
N LEU B 163 -9.39 16.69 20.63
CA LEU B 163 -9.38 16.09 21.96
C LEU B 163 -7.98 15.54 22.27
N ALA B 164 -7.18 16.32 22.98
CA ALA B 164 -5.84 15.88 23.42
C ALA B 164 -5.96 15.00 24.66
N LEU B 165 -6.62 13.86 24.46
CA LEU B 165 -6.92 12.89 25.52
C LEU B 165 -6.41 11.53 25.06
N GLY B 166 -6.18 10.63 26.02
CA GLY B 166 -5.69 9.28 25.72
C GLY B 166 -4.38 9.28 24.95
N PRO B 167 -4.36 8.67 23.76
CA PRO B 167 -3.12 8.65 22.96
C PRO B 167 -2.78 10.00 22.32
N ILE B 168 -3.70 10.96 22.36
CA ILE B 168 -3.50 12.30 21.78
C ILE B 168 -2.98 13.27 22.86
N ALA B 169 -2.89 12.78 24.11
CA ALA B 169 -2.45 13.60 25.23
C ALA B 169 -0.93 13.80 25.33
N ASN B 170 -0.36 14.34 24.25
CA ASN B 170 1.05 14.73 24.16
C ASN B 170 1.19 15.79 23.07
N PRO B 171 2.19 16.70 23.21
CA PRO B 171 2.26 17.83 22.27
C PRO B 171 2.35 17.45 20.79
N ALA B 172 3.09 16.38 20.47
CA ALA B 172 3.31 15.96 19.09
C ALA B 172 2.00 15.57 18.41
N ARG B 173 1.27 14.62 19.01
CA ARG B 173 0.00 14.16 18.45
C ARG B 173 -1.04 15.28 18.38
N ALA B 174 -1.20 16.04 19.46
CA ALA B 174 -2.16 17.14 19.50
C ALA B 174 -1.88 18.23 18.45
N LEU B 175 -0.61 18.65 18.33
CA LEU B 175 -0.24 19.68 17.35
C LEU B 175 -0.35 19.21 15.91
N HIS B 176 0.03 17.95 15.65
CA HIS B 176 -0.11 17.33 14.33
C HIS B 176 -1.57 17.35 13.89
N LEU B 177 -2.48 16.95 14.78
CA LEU B 177 -3.93 16.97 14.49
C LEU B 177 -4.48 18.37 14.36
N ALA B 178 -4.06 19.26 15.27
CA ALA B 178 -4.52 20.64 15.28
C ALA B 178 -4.16 21.36 13.98
N ARG B 179 -2.95 21.15 13.50
CA ARG B 179 -2.51 21.77 12.25
C ARG B 179 -3.22 21.20 11.03
N MET B 180 -3.61 19.93 11.10
CA MET B 180 -4.46 19.31 10.09
C MET B 180 -5.87 19.89 10.14
N ALA B 181 -6.40 20.08 11.35
CA ALA B 181 -7.73 20.66 11.54
C ALA B 181 -7.76 22.14 11.14
N LEU B 182 -6.62 22.82 11.24
CA LEU B 182 -6.52 24.23 10.81
C LEU B 182 -6.70 24.39 9.30
N ARG B 183 -6.50 23.31 8.54
CA ARG B 183 -6.77 23.34 7.12
C ARG B 183 -8.27 23.45 6.85
N LEU B 184 -9.06 23.07 7.85
CA LEU B 184 -10.51 22.93 7.67
C LEU B 184 -11.30 23.96 8.48
N SER B 185 -10.60 24.77 9.28
CA SER B 185 -11.25 25.68 10.21
C SER B 185 -10.41 26.93 10.43
N GLU B 186 -11.08 28.04 10.73
CA GLU B 186 -10.39 29.29 11.05
C GLU B 186 -9.62 29.17 12.36
N SER B 187 -10.19 28.42 13.31
CA SER B 187 -9.62 28.30 14.63
C SER B 187 -9.75 26.87 15.14
N VAL B 188 -8.76 26.43 15.91
CA VAL B 188 -8.77 25.09 16.51
C VAL B 188 -8.53 25.20 18.01
N THR B 189 -9.48 24.68 18.79
CA THR B 189 -9.35 24.62 20.24
C THR B 189 -8.87 23.23 20.66
N ILE B 190 -7.72 23.19 21.34
CA ILE B 190 -7.18 21.93 21.86
C ILE B 190 -7.62 21.71 23.31
N TYR B 191 -8.43 20.66 23.49
CA TYR B 191 -8.99 20.27 24.78
C TYR B 191 -8.09 19.27 25.49
N THR B 192 -7.78 19.53 26.75
CA THR B 192 -6.94 18.62 27.54
C THR B 192 -7.65 17.94 28.72
N ASN B 193 -8.96 18.21 28.86
CA ASN B 193 -9.79 17.52 29.87
C ASN B 193 -9.18 17.54 31.28
N GLY B 194 -8.81 18.72 31.77
CA GLY B 194 -8.32 18.86 33.14
C GLY B 194 -6.81 18.80 33.34
N ASN B 195 -6.06 18.61 32.26
CA ASN B 195 -4.59 18.58 32.35
C ASN B 195 -4.01 19.93 31.91
N GLU B 196 -3.78 20.80 32.89
CA GLU B 196 -3.25 22.14 32.65
C GLU B 196 -1.78 22.13 32.23
N GLN B 197 -1.01 21.19 32.77
CA GLN B 197 0.40 21.04 32.42
C GLN B 197 0.56 20.70 30.95
N LEU B 198 -0.31 19.83 30.43
CA LEU B 198 -0.31 19.45 29.03
C LEU B 198 -0.70 20.62 28.12
N ALA B 199 -1.75 21.35 28.50
CA ALA B 199 -2.18 22.54 27.78
C ALA B 199 -1.03 23.53 27.60
N LYS B 200 -0.27 23.76 28.66
CA LYS B 200 0.87 24.68 28.63
C LYS B 200 2.02 24.15 27.78
N GLU B 201 2.24 22.84 27.85
CA GLU B 201 3.30 22.20 27.06
C GLU B 201 3.01 22.26 25.57
N ILE B 202 1.75 22.00 25.20
CA ILE B 202 1.31 22.09 23.81
C ILE B 202 1.44 23.53 23.30
N GLN B 203 1.00 24.50 24.11
CA GLN B 203 1.09 25.91 23.72
C GLN B 203 2.54 26.34 23.52
N GLN B 204 3.41 26.00 24.47
CA GLN B 204 4.81 26.38 24.34
C GLN B 204 5.48 25.72 23.14
N ALA B 205 5.19 24.44 22.93
CA ALA B 205 5.72 23.71 21.79
C ALA B 205 5.30 24.39 20.48
N ALA B 206 4.02 24.75 20.39
CA ALA B 206 3.51 25.49 19.22
C ALA B 206 4.18 26.85 19.12
N GLU B 207 4.17 27.60 20.22
CA GLU B 207 4.75 28.93 20.27
C GLU B 207 6.24 28.96 19.90
N GLU B 208 6.98 27.90 20.24
CA GLU B 208 8.43 27.84 19.97
C GLU B 208 8.80 27.12 18.68
N SER B 209 7.80 26.58 17.97
CA SER B 209 8.01 25.86 16.72
C SER B 209 8.24 26.82 15.55
N PRO B 210 8.79 26.33 14.42
CA PRO B 210 9.00 27.21 13.26
C PRO B 210 7.76 27.95 12.75
N VAL B 211 6.59 27.31 12.83
CA VAL B 211 5.36 27.91 12.28
C VAL B 211 4.53 28.71 13.28
N GLY B 212 4.76 28.49 14.57
CA GLY B 212 4.06 29.25 15.60
C GLY B 212 2.72 28.67 16.01
N ALA B 213 1.98 29.43 16.80
CA ALA B 213 0.74 28.95 17.41
C ALA B 213 -0.50 29.68 16.88
N SER B 214 -0.37 30.37 15.75
CA SER B 214 -1.48 31.15 15.23
C SER B 214 -2.68 30.28 14.84
N GLY B 215 -3.87 30.67 15.32
CA GLY B 215 -5.09 29.94 15.04
C GLY B 215 -5.45 28.90 16.10
N LEU B 216 -4.58 28.74 17.09
CA LEU B 216 -4.79 27.74 18.14
C LEU B 216 -5.28 28.34 19.44
N LYS B 217 -6.26 27.68 20.05
CA LYS B 217 -6.71 28.01 21.40
C LYS B 217 -6.56 26.77 22.26
N PHE B 218 -6.44 26.97 23.57
CA PHE B 218 -6.16 25.88 24.48
C PHE B 218 -7.17 25.88 25.61
N GLU B 219 -7.82 24.73 25.76
CA GLU B 219 -8.87 24.58 26.72
C GLU B 219 -8.51 23.45 27.66
N ALA B 220 -8.30 23.79 28.94
CA ALA B 220 -7.83 22.81 29.93
C ALA B 220 -8.88 22.38 30.95
N ARG B 221 -10.11 22.90 30.82
CA ARG B 221 -11.18 22.55 31.77
C ARG B 221 -11.63 21.09 31.59
N PRO B 222 -12.06 20.45 32.70
CA PRO B 222 -12.61 19.10 32.60
C PRO B 222 -13.86 19.06 31.73
N ILE B 223 -14.00 18.00 30.93
CA ILE B 223 -15.16 17.80 30.08
C ILE B 223 -16.18 16.92 30.79
N ARG B 224 -17.39 17.44 30.95
CA ARG B 224 -18.46 16.73 31.63
C ARG B 224 -19.23 15.81 30.70
N ARG B 225 -19.51 16.32 29.49
CA ARG B 225 -20.23 15.55 28.48
C ARG B 225 -20.16 16.17 27.08
N PHE B 226 -20.39 15.34 26.07
CA PHE B 226 -20.55 15.78 24.70
C PHE B 226 -22.02 15.76 24.32
N GLU B 227 -22.53 16.88 23.83
CA GLU B 227 -23.87 16.91 23.29
C GLU B 227 -23.79 17.18 21.79
N LYS B 228 -24.38 16.29 21.00
CA LYS B 228 -24.45 16.52 19.57
C LYS B 228 -25.42 17.66 19.29
N GLY B 229 -24.94 18.67 18.58
CA GLY B 229 -25.77 19.81 18.20
C GLY B 229 -26.75 19.42 17.10
N ASP B 230 -27.80 20.22 16.96
CA ASP B 230 -28.81 19.98 15.93
C ASP B 230 -28.31 20.30 14.52
N VAL B 231 -27.37 21.24 14.42
CA VAL B 231 -26.87 21.69 13.13
C VAL B 231 -25.65 20.89 12.67
N ALA B 232 -25.72 20.34 11.47
CA ALA B 232 -24.60 19.64 10.81
C ALA B 232 -23.90 18.61 11.70
N LYS B 233 -22.59 18.76 11.87
CA LYS B 233 -21.78 17.84 12.67
C LYS B 233 -21.32 18.45 13.99
N THR B 234 -21.97 19.55 14.39
CA THR B 234 -21.58 20.30 15.58
C THR B 234 -21.68 19.47 16.86
N VAL B 235 -20.72 19.66 17.74
CA VAL B 235 -20.74 19.05 19.06
C VAL B 235 -20.61 20.15 20.11
N ILE B 236 -21.53 20.16 21.06
CA ILE B 236 -21.45 21.04 22.22
C ILE B 236 -20.64 20.35 23.30
N VAL B 237 -19.48 20.91 23.61
CA VAL B 237 -18.62 20.37 24.67
C VAL B 237 -18.95 21.06 25.98
N HIS B 238 -19.46 20.28 26.93
CA HIS B 238 -19.82 20.81 28.25
C HIS B 238 -18.64 20.82 29.20
N LEU B 239 -18.19 22.03 29.51
CA LEU B 239 -17.00 22.26 30.33
C LEU B 239 -17.37 22.75 31.71
N GLY B 240 -16.40 22.72 32.60
CA GLY B 240 -16.60 23.18 33.97
C GLY B 240 -17.93 22.71 34.53
N GLU B 241 -18.55 23.57 35.34
CA GLU B 241 -19.83 23.22 35.96
C GLU B 241 -21.02 23.55 35.06
N SER B 242 -20.98 24.70 34.41
CA SER B 242 -22.10 25.19 33.61
C SER B 242 -21.70 25.67 32.22
N GLU B 243 -20.41 25.97 32.05
CA GLU B 243 -19.92 26.55 30.80
C GLU B 243 -19.86 25.52 29.67
N SER B 244 -19.87 26.00 28.43
CA SER B 244 -19.81 25.11 27.26
C SER B 244 -19.24 25.82 26.03
N LYS B 245 -18.78 25.00 25.08
CA LYS B 245 -18.28 25.48 23.79
C LYS B 245 -18.86 24.63 22.66
N THR B 246 -19.40 25.30 21.64
CA THR B 246 -19.92 24.59 20.47
C THR B 246 -18.85 24.53 19.38
N GLU B 247 -18.51 23.32 18.95
CA GLU B 247 -17.48 23.12 17.91
C GLU B 247 -18.11 22.64 16.61
N GLY B 248 -17.49 23.02 15.48
CA GLY B 248 -17.93 22.53 14.17
C GLY B 248 -17.91 21.02 14.10
N PHE B 249 -16.82 20.44 14.59
CA PHE B 249 -16.68 19.00 14.85
C PHE B 249 -15.51 18.82 15.81
N LEU B 250 -15.35 17.61 16.32
CA LEU B 250 -14.20 17.28 17.15
C LEU B 250 -13.29 16.26 16.46
N VAL B 251 -11.99 16.35 16.72
CA VAL B 251 -11.02 15.41 16.15
C VAL B 251 -10.35 14.62 17.27
N TYR B 252 -10.43 13.29 17.21
CA TYR B 252 -9.86 12.41 18.22
C TYR B 252 -9.57 11.03 17.65
N ASN B 253 -8.32 10.58 17.79
CA ASN B 253 -7.94 9.23 17.33
C ASN B 253 -7.91 8.28 18.52
N PRO B 254 -8.93 7.40 18.62
CA PRO B 254 -9.09 6.56 19.81
C PRO B 254 -8.03 5.47 19.96
N GLN B 255 -7.84 5.00 21.19
CA GLN B 255 -7.13 3.76 21.46
C GLN B 255 -7.95 2.64 20.81
N THR B 256 -7.26 1.62 20.31
CA THR B 256 -7.93 0.52 19.63
C THR B 256 -7.50 -0.81 20.24
N GLU B 257 -8.32 -1.84 20.05
CA GLU B 257 -7.92 -3.19 20.43
C GLU B 257 -8.26 -4.17 19.31
N VAL B 258 -7.36 -5.12 19.10
CA VAL B 258 -7.50 -6.13 18.04
C VAL B 258 -8.76 -6.96 18.27
N ASN B 259 -9.51 -7.23 17.20
CA ASN B 259 -10.69 -8.08 17.27
C ASN B 259 -10.29 -9.55 17.36
N GLY B 260 -11.00 -10.28 18.21
CA GLY B 260 -10.77 -11.73 18.37
C GLY B 260 -9.75 -12.04 19.45
N PRO B 261 -9.76 -13.29 19.95
CA PRO B 261 -8.86 -13.71 21.02
C PRO B 261 -7.57 -14.37 20.52
N PHE B 262 -7.27 -14.24 19.23
CA PHE B 262 -6.26 -15.08 18.58
C PHE B 262 -4.80 -14.75 18.93
N ALA B 263 -4.52 -13.47 19.12
CA ALA B 263 -3.19 -13.05 19.56
C ALA B 263 -2.88 -13.61 20.95
N LYS B 264 -3.91 -13.74 21.81
CA LYS B 264 -3.75 -14.31 23.14
C LYS B 264 -3.61 -15.84 23.10
N GLN B 265 -4.50 -16.48 22.34
CA GLN B 265 -4.51 -17.95 22.23
C GLN B 265 -3.20 -18.48 21.64
N LEU B 266 -2.65 -17.77 20.66
CA LEU B 266 -1.41 -18.17 20.02
C LEU B 266 -0.20 -17.51 20.64
N ALA B 267 -0.44 -16.67 21.65
CA ALA B 267 0.63 -15.90 22.31
C ALA B 267 1.54 -15.18 21.31
N LEU B 268 0.93 -14.36 20.45
CA LEU B 268 1.67 -13.56 19.48
C LEU B 268 2.17 -12.29 20.11
N ASN B 269 3.40 -11.90 19.78
CA ASN B 269 3.95 -10.63 20.25
C ASN B 269 3.05 -9.47 19.84
N MET B 270 2.84 -8.56 20.77
CA MET B 270 2.01 -7.39 20.56
C MET B 270 2.89 -6.15 20.52
N THR B 271 2.44 -5.11 19.83
CA THR B 271 3.11 -3.81 19.90
C THR B 271 2.69 -3.13 21.18
N GLU B 272 3.30 -2.00 21.49
CA GLU B 272 2.93 -1.24 22.66
C GLU B 272 1.53 -0.60 22.54
N GLY B 273 1.00 -0.55 21.32
CA GLY B 273 -0.36 -0.07 21.09
C GLY B 273 -1.44 -1.15 21.15
N GLY B 274 -1.00 -2.41 21.25
CA GLY B 274 -1.93 -3.54 21.30
C GLY B 274 -2.15 -4.23 19.96
N ASP B 275 -1.47 -3.75 18.93
CA ASP B 275 -1.53 -4.39 17.61
C ASP B 275 -0.72 -5.67 17.63
N ILE B 276 -1.03 -6.57 16.70
CA ILE B 276 -0.19 -7.73 16.48
C ILE B 276 1.10 -7.29 15.83
N LEU B 277 2.21 -7.71 16.42
CA LEU B 277 3.54 -7.31 15.96
C LEU B 277 3.94 -8.11 14.72
N THR B 278 4.10 -7.40 13.59
CA THR B 278 4.49 -8.04 12.33
C THR B 278 5.63 -7.26 11.71
N THR B 279 6.35 -7.90 10.79
CA THR B 279 7.49 -7.25 10.15
C THR B 279 7.47 -7.41 8.64
N PRO B 280 7.67 -6.30 7.90
CA PRO B 280 7.94 -6.40 6.48
C PRO B 280 9.16 -7.30 6.24
N PRO B 281 9.27 -7.94 5.07
CA PRO B 281 8.48 -7.65 3.87
C PRO B 281 7.16 -8.43 3.77
N PHE B 282 6.92 -9.38 4.66
CA PHE B 282 5.79 -10.29 4.50
C PHE B 282 4.75 -10.32 5.62
N TYR B 283 5.02 -9.60 6.69
CA TYR B 283 4.07 -9.41 7.81
C TYR B 283 3.74 -10.71 8.56
N GLU B 284 4.73 -11.60 8.66
CA GLU B 284 4.60 -12.79 9.51
C GLU B 284 4.63 -12.35 10.97
N THR B 285 3.85 -13.03 11.82
CA THR B 285 3.83 -12.76 13.26
C THR B 285 5.03 -13.44 13.93
N SER B 286 5.07 -13.41 15.26
CA SER B 286 6.14 -14.05 16.02
C SER B 286 6.03 -15.58 16.03
N VAL B 287 4.91 -16.11 15.55
CA VAL B 287 4.73 -17.56 15.41
C VAL B 287 4.84 -17.93 13.93
N PRO B 288 5.84 -18.76 13.57
CA PRO B 288 6.00 -19.11 12.16
C PRO B 288 4.72 -19.70 11.56
N GLY B 289 4.37 -19.22 10.37
CA GLY B 289 3.17 -19.69 9.68
C GLY B 289 1.90 -18.90 9.94
N VAL B 290 1.95 -18.01 10.94
CA VAL B 290 0.86 -17.10 11.25
C VAL B 290 1.26 -15.70 10.80
N PHE B 291 0.43 -15.12 9.94
CA PHE B 291 0.62 -13.76 9.43
C PHE B 291 -0.51 -12.89 9.95
N ALA B 292 -0.30 -11.58 9.96
CA ALA B 292 -1.35 -10.66 10.35
C ALA B 292 -1.27 -9.41 9.49
N VAL B 293 -2.42 -8.99 8.96
CA VAL B 293 -2.46 -7.87 8.03
C VAL B 293 -3.63 -6.93 8.31
N GLY B 294 -3.51 -5.69 7.83
CA GLY B 294 -4.54 -4.67 8.04
C GLY B 294 -4.45 -4.07 9.41
N ASP B 295 -5.57 -3.51 9.88
CA ASP B 295 -5.62 -2.76 11.13
C ASP B 295 -5.14 -3.50 12.38
N CYS B 296 -5.34 -4.82 12.42
CA CYS B 296 -4.95 -5.61 13.59
C CYS B 296 -3.44 -5.74 13.73
N ALA B 297 -2.70 -5.34 12.70
CA ALA B 297 -1.26 -5.60 12.64
C ALA B 297 -0.38 -4.40 12.31
N THR B 298 -0.96 -3.20 12.31
CA THR B 298 -0.20 -2.01 11.97
C THR B 298 -0.77 -0.78 12.64
N PRO B 299 0.13 0.14 13.05
CA PRO B 299 -0.34 1.44 13.48
C PRO B 299 -0.90 2.26 12.31
N LEU B 300 -0.50 1.95 11.08
CA LEU B 300 -0.98 2.65 9.87
C LEU B 300 -2.35 2.14 9.44
N LYS B 301 -3.38 2.57 10.15
CA LYS B 301 -4.72 2.02 9.97
C LYS B 301 -5.52 2.75 8.89
N ALA B 302 -5.28 2.38 7.63
CA ALA B 302 -6.01 2.93 6.49
C ALA B 302 -6.17 1.84 5.43
N VAL B 303 -7.01 2.08 4.44
CA VAL B 303 -7.34 1.04 3.45
C VAL B 303 -6.17 0.69 2.53
N THR B 304 -5.48 1.69 1.97
CA THR B 304 -4.38 1.37 1.04
C THR B 304 -3.21 0.60 1.69
N PRO B 305 -2.82 0.96 2.95
CA PRO B 305 -1.83 0.10 3.60
C PRO B 305 -2.35 -1.31 3.90
N ALA B 306 -3.62 -1.42 4.32
CA ALA B 306 -4.24 -2.72 4.58
C ALA B 306 -4.20 -3.61 3.33
N VAL B 307 -4.46 -3.01 2.17
CA VAL B 307 -4.48 -3.75 0.91
C VAL B 307 -3.07 -4.16 0.49
N SER B 308 -2.11 -3.25 0.62
CA SER B 308 -0.70 -3.52 0.31
C SER B 308 -0.14 -4.62 1.21
N MET B 309 -0.50 -4.57 2.49
CA MET B 309 -0.10 -5.62 3.44
C MET B 309 -0.63 -6.98 3.00
N GLY B 310 -1.89 -7.03 2.58
CA GLY B 310 -2.50 -8.25 2.08
C GLY B 310 -1.73 -8.85 0.92
N SER B 311 -1.33 -8.00 -0.02
CA SER B 311 -0.58 -8.44 -1.20
C SER B 311 0.78 -9.02 -0.85
N LEU B 312 1.50 -8.33 0.03
CA LEU B 312 2.84 -8.75 0.42
C LEU B 312 2.77 -9.99 1.31
N ALA B 313 1.78 -10.02 2.20
CA ALA B 313 1.49 -11.21 2.99
C ALA B 313 1.29 -12.44 2.11
N ALA B 314 0.50 -12.29 1.03
CA ALA B 314 0.30 -13.38 0.08
C ALA B 314 1.59 -13.84 -0.60
N GLY B 315 2.51 -12.92 -0.85
CA GLY B 315 3.84 -13.24 -1.41
C GLY B 315 4.67 -14.11 -0.48
N GLY B 316 4.64 -13.79 0.81
CA GLY B 316 5.33 -14.57 1.83
C GLY B 316 4.69 -15.93 2.05
N LEU B 317 3.36 -15.97 2.04
CA LEU B 317 2.61 -17.22 2.18
C LEU B 317 2.93 -18.14 1.01
N VAL B 318 2.85 -17.57 -0.19
CA VAL B 318 3.18 -18.28 -1.42
C VAL B 318 4.61 -18.88 -1.34
N ALA B 319 5.57 -18.08 -0.85
CA ALA B 319 6.96 -18.52 -0.68
C ALA B 319 7.12 -19.72 0.29
N GLN B 320 6.41 -19.67 1.41
CA GLN B 320 6.47 -20.74 2.41
C GLN B 320 5.79 -22.02 1.96
N LEU B 321 4.59 -21.88 1.41
CA LEU B 321 3.80 -23.03 0.97
C LEU B 321 4.55 -23.84 -0.10
N GLN B 322 5.28 -23.15 -0.94
CA GLN B 322 5.99 -23.79 -2.05
C GLN B 322 7.39 -24.29 -1.68
N ALA B 323 7.91 -23.85 -0.54
CA ALA B 323 9.24 -24.28 -0.08
C ALA B 323 9.17 -25.28 1.08
N GLN B 324 7.98 -25.53 1.58
CA GLN B 324 7.77 -26.46 2.70
C GLN B 324 6.89 -27.64 2.30
N ALA B 325 7.22 -28.80 2.86
CA ALA B 325 6.55 -30.04 2.52
C ALA B 325 5.08 -30.01 2.89
N LEU B 326 4.29 -30.74 2.10
CA LEU B 326 2.84 -30.73 2.18
C LEU B 326 2.30 -31.47 3.40
PA FAD C . 4.22 4.02 -13.66
O1A FAD C . 2.83 3.44 -13.53
O2A FAD C . 5.15 3.40 -14.69
O5B FAD C . 4.09 5.59 -13.98
C5B FAD C . 5.26 6.39 -14.13
C4B FAD C . 4.84 7.83 -14.42
O4B FAD C . 5.97 8.69 -14.33
C3B FAD C . 4.28 7.99 -15.84
O3B FAD C . 3.15 8.87 -15.79
C2B FAD C . 5.41 8.65 -16.60
O2B FAD C . 4.93 9.44 -17.69
C1B FAD C . 5.99 9.52 -15.50
N9A FAD C . 7.35 10.02 -15.79
C8A FAD C . 8.50 9.34 -15.84
N7A FAD C . 9.54 10.18 -16.13
C5A FAD C . 9.02 11.42 -16.27
C6A FAD C . 9.54 12.77 -16.57
N6A FAD C . 10.86 12.98 -16.80
N1A FAD C . 8.65 13.80 -16.63
C2A FAD C . 7.33 13.61 -16.40
N3A FAD C . 6.79 12.41 -16.12
C4A FAD C . 7.58 11.30 -16.04
N1 FAD C . 1.38 -4.58 -11.26
C2 FAD C . 0.23 -5.05 -10.70
O2 FAD C . -0.03 -4.72 -9.52
N3 FAD C . -0.64 -5.83 -11.36
C4 FAD C . -0.41 -6.23 -12.63
O4 FAD C . -1.23 -6.96 -13.22
C4X FAD C . 0.81 -5.76 -13.31
N5 FAD C . 1.10 -6.11 -14.58
C5X FAD C . 2.24 -5.68 -15.19
C6 FAD C . 2.51 -6.07 -16.50
C7 FAD C . 3.67 -5.63 -17.14
C7M FAD C . 3.95 -6.05 -18.56
C8 FAD C . 4.63 -4.74 -16.40
C8M FAD C . 5.89 -4.27 -17.07
C9 FAD C . 4.36 -4.36 -15.09
C9A FAD C . 3.19 -4.80 -14.46
N10 FAD C . 2.90 -4.42 -13.12
C10 FAD C . 1.71 -4.90 -12.53
C1' FAD C . 3.79 -3.54 -12.34
C2' FAD C . 3.14 -2.14 -12.40
O2' FAD C . 3.07 -1.70 -13.76
C3' FAD C . 3.91 -1.09 -11.60
O3' FAD C . 4.11 -1.56 -10.26
C4' FAD C . 3.22 0.27 -11.56
O4' FAD C . 2.91 0.77 -12.88
C5' FAD C . 4.11 1.29 -10.84
O5' FAD C . 3.46 2.56 -10.81
P FAD C . 4.33 3.91 -10.80
O1P FAD C . 3.32 5.02 -10.64
O2P FAD C . 5.42 3.77 -9.78
O3P FAD C . 5.01 3.97 -12.26
PA FAD D . -11.90 -4.56 8.65
O1A FAD D . -12.21 -3.84 7.35
O2A FAD D . -12.44 -3.98 9.93
O5B FAD D . -12.42 -6.07 8.51
C5B FAD D . -12.15 -7.01 9.53
C4B FAD D . -12.69 -8.37 9.11
O4B FAD D . -12.34 -9.34 10.10
C3B FAD D . -14.21 -8.37 9.00
O3B FAD D . -14.63 -9.17 7.89
C2B FAD D . -14.65 -9.05 10.28
O2B FAD D . -15.93 -9.68 10.17
C1B FAD D . -13.53 -10.07 10.42
N9A FAD D . -13.43 -10.69 11.75
C8A FAD D . -13.03 -10.11 12.90
N7A FAD D . -13.05 -11.01 13.91
C5A FAD D . -13.47 -12.18 13.40
C6A FAD D . -13.73 -13.55 13.90
N6A FAD D . -13.55 -13.86 15.20
N1A FAD D . -14.16 -14.48 13.01
C2A FAD D . -14.37 -14.21 11.71
N3A FAD D . -14.14 -12.99 11.18
C4A FAD D . -13.71 -11.97 11.97
N1 FAD D . -9.69 4.18 5.85
C2 FAD D . -9.52 4.74 4.62
O2 FAD D . -8.54 4.37 3.94
N3 FAD D . -10.33 5.68 4.13
C4 FAD D . -11.40 6.13 4.81
O4 FAD D . -12.14 7.01 4.34
C4X FAD D . -11.67 5.57 6.16
N5 FAD D . -12.72 5.98 6.91
C5X FAD D . -12.95 5.45 8.13
C6 FAD D . -14.03 5.90 8.88
C7 FAD D . -14.27 5.37 10.14
C7M FAD D . -15.45 5.86 10.94
C8 FAD D . -13.37 4.32 10.70
C8M FAD D . -13.64 3.74 12.06
C9 FAD D . -12.28 3.87 9.96
C9A FAD D . -12.03 4.39 8.69
N10 FAD D . -10.93 3.96 7.92
C10 FAD D . -10.73 4.54 6.64
C1' FAD D . -10.02 2.91 8.40
C2' FAD D . -10.46 1.60 7.71
O2' FAD D . -11.79 1.23 8.11
C3' FAD D . -9.53 0.42 8.01
O3' FAD D . -8.18 0.81 7.75
C4' FAD D . -9.83 -0.84 7.20
O4' FAD D . -11.21 -1.20 7.33
C5' FAD D . -8.98 -2.00 7.67
O5' FAD D . -9.37 -3.19 7.01
P FAD D . -9.16 -4.63 7.69
O1P FAD D . -9.46 -5.67 6.64
O2P FAD D . -7.83 -4.65 8.40
O3P FAD D . -10.30 -4.70 8.86
#